data_6WC2
#
_entry.id   6WC2
#
_cell.length_a   69.370
_cell.length_b   133.900
_cell.length_c   140.040
_cell.angle_alpha   90.000
_cell.angle_beta   90.000
_cell.angle_gamma   90.000
#
_symmetry.space_group_name_H-M   'P 21 21 21'
#
loop_
_entity.id
_entity.type
_entity.pdbx_description
1 polymer 'MEF2 Chimera,Myocyte-specific enhancer factor 2B,Myocyte-specific enhancer factor 2A'
2 polymer 'Myocardin Enhancer DNA'
3 polymer 'Myocardin Enhancer DNA'
4 polymer 'Homeobox protein Nkx-2.5'
5 water water
#
loop_
_entity_poly.entity_id
_entity_poly.type
_entity_poly.pdbx_seq_one_letter_code
_entity_poly.pdbx_strand_id
1 'polypeptide(L)'
;MGRKKIQITRIMDERNRQVTFTKRKFGLMKKAYELSVLCDCEIALIIFNSSNKLFQYASTDMDKVLLKYTEYSEPHESRT
NTDILETLKRREHRG
;
A,B,C,D,I,J
2 'polydeoxyribonucleotide'
;(DA)(DA)(DG)(DC)(DA)(DC)(DT)(DT)(DT)(DC)(DT)(DT)(DA)(DA)(DA)(DA)(DT)(DA)(DG)(DT)
(DG)
;
E,G,K
3 'polydeoxyribonucleotide'
;(DC)(DA)(DC)(DT)(DA)(DT)(DT)(DT)(DT)(DA)(DA)(DG)(DA)(DA)(DA)(DG)(DT)(DG)(DC)(DT)
(DT)
;
F,H,L
4 'polypeptide(L)' RRRKPRVLFSQAQVYELERRFKQQRYLSAPERDQLASVLKLTSTQVKIWFQNRRYKSKRQR M,N,O
#
loop_
_chem_comp.id
_chem_comp.type
_chem_comp.name
_chem_comp.formula
DA DNA linking 2'-DEOXYADENOSINE-5'-MONOPHOSPHATE 'C10 H14 N5 O6 P'
DC DNA linking 2'-DEOXYCYTIDINE-5'-MONOPHOSPHATE 'C9 H14 N3 O7 P'
DG DNA linking 2'-DEOXYGUANOSINE-5'-MONOPHOSPHATE 'C10 H14 N5 O7 P'
DT DNA linking THYMIDINE-5'-MONOPHOSPHATE 'C10 H15 N2 O8 P'
#
# COMPACT_ATOMS: atom_id res chain seq x y z
N GLY A 2 -46.15 3.46 0.19
CA GLY A 2 -47.41 3.66 -0.55
C GLY A 2 -48.28 4.67 0.13
N ARG A 3 -49.27 5.23 -0.56
CA ARG A 3 -50.22 6.18 0.04
C ARG A 3 -50.89 5.53 1.27
N LYS A 4 -51.14 4.21 1.25
CA LYS A 4 -51.66 3.45 2.41
C LYS A 4 -50.85 2.15 2.55
N LYS A 5 -50.72 1.64 3.78
CA LYS A 5 -50.17 0.31 4.12
C LYS A 5 -51.15 -0.73 3.59
N ILE A 6 -50.70 -1.80 2.95
CA ILE A 6 -51.64 -2.89 2.55
C ILE A 6 -51.32 -4.12 3.36
N GLN A 7 -52.35 -4.92 3.59
CA GLN A 7 -52.19 -6.29 4.14
C GLN A 7 -51.73 -7.19 3.00
N ILE A 8 -50.89 -8.15 3.32
CA ILE A 8 -50.42 -9.18 2.35
C ILE A 8 -51.47 -10.28 2.35
N THR A 9 -52.44 -10.09 1.44
CA THR A 9 -53.58 -10.99 1.19
C THR A 9 -53.92 -10.82 -0.29
N ARG A 10 -54.55 -11.81 -0.91
CA ARG A 10 -54.80 -11.79 -2.36
CA ARG A 10 -54.82 -11.79 -2.36
C ARG A 10 -55.65 -10.54 -2.67
N ILE A 11 -55.22 -9.78 -3.68
CA ILE A 11 -55.98 -8.61 -4.16
C ILE A 11 -57.18 -9.11 -4.96
N MET A 12 -58.39 -8.77 -4.53
CA MET A 12 -59.62 -9.38 -5.10
C MET A 12 -60.02 -8.64 -6.38
N ASP A 13 -59.74 -7.33 -6.49
CA ASP A 13 -59.96 -6.56 -7.75
C ASP A 13 -58.93 -6.96 -8.83
N GLU A 14 -59.39 -7.55 -9.94
CA GLU A 14 -58.52 -8.05 -11.05
C GLU A 14 -57.65 -6.90 -11.60
N ARG A 15 -58.21 -5.71 -11.78
CA ARG A 15 -57.45 -4.60 -12.39
C ARG A 15 -56.32 -4.21 -11.44
N ASN A 16 -56.61 -4.02 -10.14
CA ASN A 16 -55.58 -3.64 -9.13
C ASN A 16 -54.56 -4.78 -9.04
N ARG A 17 -55.02 -6.03 -9.08
CA ARG A 17 -54.09 -7.17 -8.98
C ARG A 17 -53.07 -7.12 -10.11
N GLN A 18 -53.52 -6.88 -11.35
CA GLN A 18 -52.65 -6.82 -12.55
C GLN A 18 -51.69 -5.62 -12.43
N VAL A 19 -52.17 -4.45 -12.00
CA VAL A 19 -51.27 -3.24 -11.93
C VAL A 19 -50.19 -3.54 -10.90
N THR A 20 -50.56 -4.10 -9.75
CA THR A 20 -49.62 -4.38 -8.65
C THR A 20 -48.61 -5.41 -9.13
N PHE A 21 -49.09 -6.44 -9.83
CA PHE A 21 -48.20 -7.53 -10.35
C PHE A 21 -47.09 -6.94 -11.23
N THR A 22 -47.46 -6.10 -12.18
CA THR A 22 -46.52 -5.50 -13.14
C THR A 22 -45.47 -4.65 -12.40
N LYS A 23 -45.91 -3.78 -11.50
CA LYS A 23 -44.99 -2.90 -10.72
C LYS A 23 -44.09 -3.76 -9.84
N ARG A 24 -44.66 -4.66 -9.05
CA ARG A 24 -43.82 -5.39 -8.06
C ARG A 24 -42.93 -6.42 -8.74
N LYS A 25 -43.33 -6.96 -9.90
CA LYS A 25 -42.48 -7.96 -10.61
C LYS A 25 -41.20 -7.25 -11.02
N PHE A 26 -41.28 -6.04 -11.56
CA PHE A 26 -40.08 -5.33 -12.00
C PHE A 26 -39.23 -5.00 -10.76
N GLY A 27 -39.87 -4.53 -9.68
CA GLY A 27 -39.16 -4.22 -8.43
C GLY A 27 -38.37 -5.43 -7.89
N LEU A 28 -38.94 -6.60 -7.98
CA LEU A 28 -38.33 -7.87 -7.53
C LEU A 28 -37.14 -8.24 -8.44
N MET A 29 -37.30 -8.11 -9.73
CA MET A 29 -36.20 -8.39 -10.70
C MET A 29 -35.07 -7.36 -10.49
N LYS A 30 -35.42 -6.11 -10.18
CA LYS A 30 -34.39 -5.10 -9.91
C LYS A 30 -33.60 -5.47 -8.65
N LYS A 31 -34.26 -5.94 -7.60
CA LYS A 31 -33.58 -6.33 -6.35
CA LYS A 31 -33.59 -6.33 -6.35
C LYS A 31 -32.73 -7.57 -6.61
N ALA A 32 -33.18 -8.49 -7.47
CA ALA A 32 -32.37 -9.70 -7.79
C ALA A 32 -31.08 -9.24 -8.49
N TYR A 33 -31.21 -8.32 -9.45
CA TYR A 33 -30.06 -7.75 -10.19
C TYR A 33 -29.09 -7.12 -9.19
N GLU A 34 -29.61 -6.36 -8.23
CA GLU A 34 -28.75 -5.63 -7.26
C GLU A 34 -28.00 -6.63 -6.36
N LEU A 35 -28.72 -7.62 -5.84
CA LEU A 35 -28.06 -8.67 -5.05
C LEU A 35 -26.97 -9.38 -5.91
N SER A 36 -27.27 -9.74 -7.16
CA SER A 36 -26.37 -10.48 -8.05
C SER A 36 -25.07 -9.69 -8.23
N VAL A 37 -25.18 -8.39 -8.44
CA VAL A 37 -24.01 -7.54 -8.74
C VAL A 37 -23.30 -7.20 -7.45
N LEU A 38 -23.99 -6.74 -6.43
CA LEU A 38 -23.30 -6.33 -5.15
C LEU A 38 -22.54 -7.55 -4.59
N CYS A 39 -23.14 -8.72 -4.59
CA CYS A 39 -22.66 -9.85 -3.77
C CYS A 39 -22.14 -11.00 -4.64
N ASP A 40 -22.01 -10.80 -5.95
CA ASP A 40 -21.38 -11.81 -6.86
C ASP A 40 -22.19 -13.12 -6.77
N CYS A 41 -23.47 -13.06 -7.00
CA CYS A 41 -24.42 -14.22 -6.94
C CYS A 41 -24.97 -14.50 -8.33
N GLU A 42 -25.19 -15.74 -8.68
CA GLU A 42 -25.97 -16.19 -9.85
C GLU A 42 -27.37 -16.55 -9.35
N ILE A 43 -28.38 -15.94 -9.92
CA ILE A 43 -29.78 -16.03 -9.45
C ILE A 43 -30.67 -16.36 -10.64
N ALA A 44 -31.65 -17.22 -10.40
CA ALA A 44 -32.75 -17.46 -11.32
C ALA A 44 -34.06 -17.14 -10.57
N LEU A 45 -34.97 -16.48 -11.27
CA LEU A 45 -36.30 -16.13 -10.73
C LEU A 45 -37.33 -16.51 -11.79
N ILE A 46 -38.22 -17.40 -11.42
CA ILE A 46 -39.29 -17.92 -12.32
C ILE A 46 -40.63 -17.52 -11.72
N ILE A 47 -41.46 -16.83 -12.52
CA ILE A 47 -42.79 -16.35 -12.06
C ILE A 47 -43.84 -16.81 -13.05
N PHE A 48 -44.83 -17.56 -12.57
CA PHE A 48 -46.04 -17.85 -13.32
C PHE A 48 -47.14 -16.98 -12.70
N ASN A 49 -47.84 -16.21 -13.53
CA ASN A 49 -49.02 -15.44 -13.04
C ASN A 49 -50.20 -16.39 -12.95
N SER A 50 -51.35 -15.88 -12.53
CA SER A 50 -52.58 -16.68 -12.29
C SER A 50 -53.07 -17.30 -13.59
N SER A 51 -52.76 -16.74 -14.77
CA SER A 51 -53.16 -17.36 -16.07
C SER A 51 -52.07 -18.32 -16.56
N ASN A 52 -51.04 -18.61 -15.77
CA ASN A 52 -49.90 -19.50 -16.14
C ASN A 52 -49.02 -18.90 -17.24
N LYS A 53 -48.93 -17.58 -17.34
CA LYS A 53 -47.91 -16.95 -18.21
C LYS A 53 -46.59 -16.89 -17.45
N LEU A 54 -45.49 -17.08 -18.16
CA LEU A 54 -44.13 -17.11 -17.58
C LEU A 54 -43.43 -15.76 -17.71
N PHE A 55 -42.81 -15.33 -16.62
CA PHE A 55 -41.91 -14.16 -16.57
C PHE A 55 -40.64 -14.65 -15.90
N GLN A 56 -39.46 -14.32 -16.41
CA GLN A 56 -38.21 -14.84 -15.82
C GLN A 56 -37.16 -13.74 -15.72
N TYR A 57 -36.29 -13.91 -14.75
CA TYR A 57 -34.98 -13.23 -14.62
C TYR A 57 -33.90 -14.28 -14.38
N ALA A 58 -32.75 -14.06 -14.97
CA ALA A 58 -31.52 -14.81 -14.58
C ALA A 58 -30.35 -13.87 -14.71
N SER A 59 -29.40 -13.98 -13.80
CA SER A 59 -28.27 -13.02 -13.76
C SER A 59 -27.57 -12.93 -15.14
N THR A 60 -27.23 -14.09 -15.68
CA THR A 60 -26.46 -14.21 -16.91
C THR A 60 -27.10 -15.24 -17.82
N ASP A 61 -27.47 -16.39 -17.30
CA ASP A 61 -27.98 -17.51 -18.13
C ASP A 61 -28.87 -18.41 -17.27
N MET A 62 -30.14 -18.53 -17.64
CA MET A 62 -31.11 -19.35 -16.87
C MET A 62 -30.66 -20.82 -16.85
N ASP A 63 -30.36 -21.38 -18.01
CA ASP A 63 -30.08 -22.86 -18.13
C ASP A 63 -28.88 -23.26 -17.27
N LYS A 64 -27.86 -22.41 -17.17
CA LYS A 64 -26.67 -22.70 -16.32
C LYS A 64 -27.09 -22.77 -14.84
N VAL A 65 -27.93 -21.85 -14.38
CA VAL A 65 -28.31 -21.86 -12.95
C VAL A 65 -29.15 -23.09 -12.68
N LEU A 66 -30.10 -23.43 -13.56
CA LEU A 66 -31.04 -24.57 -13.32
C LEU A 66 -30.24 -25.89 -13.35
N LEU A 67 -29.22 -26.00 -14.20
CA LEU A 67 -28.36 -27.20 -14.26
C LEU A 67 -27.59 -27.34 -12.94
N LYS A 68 -26.96 -26.27 -12.48
CA LYS A 68 -26.26 -26.27 -11.18
C LYS A 68 -27.25 -26.67 -10.07
N TYR A 69 -28.48 -26.14 -10.09
CA TYR A 69 -29.55 -26.48 -9.12
C TYR A 69 -29.75 -28.00 -9.14
N THR A 70 -29.94 -28.61 -10.32
CA THR A 70 -30.43 -30.01 -10.40
C THR A 70 -29.28 -30.95 -10.02
N GLU A 71 -28.03 -30.52 -10.17
CA GLU A 71 -26.85 -31.34 -9.87
C GLU A 71 -26.46 -31.16 -8.41
N TYR A 72 -27.03 -30.21 -7.69
CA TYR A 72 -26.61 -29.91 -6.30
C TYR A 72 -27.12 -31.03 -5.38
N SER A 73 -26.19 -31.68 -4.68
CA SER A 73 -26.45 -32.91 -3.89
C SER A 73 -26.36 -32.58 -2.38
N GLU A 74 -25.63 -31.53 -2.00
CA GLU A 74 -25.41 -31.14 -0.59
C GLU A 74 -26.72 -30.60 -0.01
N PRO A 75 -26.94 -30.72 1.31
CA PRO A 75 -28.04 -30.01 1.96
C PRO A 75 -27.83 -28.49 1.87
N HIS A 76 -28.91 -27.74 1.82
CA HIS A 76 -28.86 -26.31 1.46
C HIS A 76 -30.05 -25.59 2.06
N GLU A 77 -29.93 -24.28 2.28
CA GLU A 77 -31.05 -23.48 2.82
C GLU A 77 -32.20 -23.51 1.82
N SER A 78 -33.40 -23.77 2.32
CA SER A 78 -34.66 -23.90 1.55
C SER A 78 -35.77 -23.16 2.29
N ARG A 79 -36.45 -22.21 1.67
CA ARG A 79 -37.51 -21.42 2.33
C ARG A 79 -38.85 -21.58 1.60
N THR A 80 -39.92 -21.55 2.38
CA THR A 80 -41.33 -21.53 1.91
C THR A 80 -42.03 -20.34 2.53
N ASN A 81 -43.24 -20.09 2.10
CA ASN A 81 -44.05 -18.95 2.59
C ASN A 81 -44.17 -19.06 4.13
N THR A 82 -44.40 -20.28 4.63
CA THR A 82 -44.54 -20.50 6.08
C THR A 82 -43.26 -20.03 6.79
N ASP A 83 -42.05 -20.29 6.31
CA ASP A 83 -40.80 -19.88 7.00
C ASP A 83 -40.63 -18.35 6.98
N ILE A 84 -40.95 -17.71 5.87
CA ILE A 84 -40.85 -16.24 5.74
C ILE A 84 -41.81 -15.61 6.78
N LEU A 85 -43.07 -16.08 6.83
CA LEU A 85 -44.07 -15.58 7.81
C LEU A 85 -43.57 -15.76 9.24
N GLU A 86 -42.97 -16.91 9.55
CA GLU A 86 -42.47 -17.21 10.93
C GLU A 86 -41.34 -16.24 11.25
N THR A 87 -40.42 -15.98 10.31
CA THR A 87 -39.34 -14.99 10.54
C THR A 87 -39.97 -13.62 10.86
N LEU A 88 -40.94 -13.18 10.06
CA LEU A 88 -41.56 -11.83 10.20
C LEU A 88 -42.28 -11.73 11.56
N LYS A 89 -43.01 -12.77 11.98
CA LYS A 89 -43.66 -12.81 13.31
C LYS A 89 -42.60 -12.66 14.41
N ARG A 90 -41.51 -13.42 14.34
CA ARG A 90 -40.49 -13.42 15.41
C ARG A 90 -39.91 -12.01 15.56
N ARG A 91 -39.89 -11.19 14.52
CA ARG A 91 -39.65 -9.72 14.70
C ARG A 91 -40.94 -9.06 15.23
N GLU A 92 -41.22 -9.13 16.55
CA GLU A 92 -42.58 -8.95 17.10
C GLU A 92 -43.41 -8.15 16.10
N LYS B 5 -26.26 6.06 -0.90
CA LYS B 5 -26.83 6.43 -2.23
C LYS B 5 -26.62 5.29 -3.24
N ILE B 6 -25.66 4.38 -2.95
CA ILE B 6 -25.47 2.95 -3.39
C ILE B 6 -25.17 2.71 -4.90
N GLN B 7 -23.88 2.63 -5.28
CA GLN B 7 -23.48 2.22 -6.64
C GLN B 7 -23.60 0.68 -6.72
N ILE B 8 -24.18 0.19 -7.82
CA ILE B 8 -24.37 -1.26 -8.00
C ILE B 8 -23.08 -1.75 -8.65
N THR B 9 -22.14 -2.11 -7.80
CA THR B 9 -20.79 -2.63 -8.13
C THR B 9 -20.42 -3.60 -7.00
N ARG B 10 -19.52 -4.53 -7.28
CA ARG B 10 -19.14 -5.61 -6.35
C ARG B 10 -18.71 -4.98 -5.04
N ILE B 11 -19.24 -5.46 -3.93
CA ILE B 11 -18.69 -5.12 -2.60
C ILE B 11 -17.41 -5.93 -2.42
N MET B 12 -16.25 -5.27 -2.32
CA MET B 12 -14.97 -5.97 -2.45
C MET B 12 -14.56 -6.52 -1.08
N ASP B 13 -15.00 -5.90 0.04
CA ASP B 13 -14.75 -6.41 1.41
C ASP B 13 -15.67 -7.62 1.64
N GLU B 14 -15.10 -8.80 1.85
CA GLU B 14 -15.84 -10.07 2.08
C GLU B 14 -16.81 -9.95 3.28
N ARG B 15 -16.40 -9.33 4.36
CA ARG B 15 -17.25 -9.26 5.58
C ARG B 15 -18.47 -8.41 5.24
N ASN B 16 -18.29 -7.23 4.65
CA ASN B 16 -19.42 -6.31 4.28
C ASN B 16 -20.24 -7.00 3.22
N ARG B 17 -19.62 -7.71 2.28
CA ARG B 17 -20.40 -8.37 1.21
C ARG B 17 -21.35 -9.38 1.84
N GLN B 18 -20.88 -10.17 2.81
CA GLN B 18 -21.69 -11.22 3.46
C GLN B 18 -22.81 -10.55 4.29
N VAL B 19 -22.57 -9.45 4.98
CA VAL B 19 -23.66 -8.77 5.78
C VAL B 19 -24.75 -8.33 4.81
N THR B 20 -24.37 -7.70 3.69
CA THR B 20 -25.36 -7.22 2.69
C THR B 20 -26.08 -8.42 2.09
N PHE B 21 -25.36 -9.49 1.78
CA PHE B 21 -25.94 -10.72 1.15
C PHE B 21 -27.06 -11.24 2.05
N THR B 22 -26.79 -11.40 3.34
CA THR B 22 -27.78 -11.95 4.30
C THR B 22 -29.00 -11.04 4.37
N LYS B 23 -28.83 -9.73 4.50
CA LYS B 23 -29.97 -8.76 4.56
C LYS B 23 -30.75 -8.80 3.26
N ARG B 24 -30.09 -8.66 2.13
CA ARG B 24 -30.80 -8.53 0.85
C ARG B 24 -31.39 -9.86 0.40
N LYS B 25 -30.82 -10.99 0.78
CA LYS B 25 -31.39 -12.31 0.39
C LYS B 25 -32.78 -12.44 1.05
N PHE B 26 -32.86 -12.12 2.30
CA PHE B 26 -34.15 -12.20 3.04
C PHE B 26 -35.11 -11.17 2.44
N GLY B 27 -34.63 -9.95 2.15
CA GLY B 27 -35.45 -8.87 1.56
C GLY B 27 -36.07 -9.29 0.26
N LEU B 28 -35.30 -10.01 -0.54
CA LEU B 28 -35.76 -10.49 -1.86
C LEU B 28 -36.79 -11.59 -1.67
N MET B 29 -36.54 -12.53 -0.76
CA MET B 29 -37.49 -13.63 -0.47
C MET B 29 -38.77 -13.03 0.08
N LYS B 30 -38.68 -12.00 0.90
CA LYS B 30 -39.88 -11.36 1.48
C LYS B 30 -40.72 -10.75 0.35
N LYS B 31 -40.09 -10.07 -0.58
CA LYS B 31 -40.81 -9.44 -1.71
C LYS B 31 -41.41 -10.52 -2.61
N ALA B 32 -40.74 -11.65 -2.78
CA ALA B 32 -41.26 -12.77 -3.60
C ALA B 32 -42.50 -13.34 -2.91
N TYR B 33 -42.44 -13.55 -1.61
CA TYR B 33 -43.58 -14.06 -0.80
C TYR B 33 -44.76 -13.11 -0.99
N GLU B 34 -44.51 -11.79 -0.88
CA GLU B 34 -45.60 -10.78 -0.95
C GLU B 34 -46.23 -10.79 -2.33
N LEU B 35 -45.41 -10.80 -3.38
CA LEU B 35 -45.93 -10.86 -4.76
C LEU B 35 -46.74 -12.14 -4.95
N SER B 36 -46.27 -13.29 -4.47
CA SER B 36 -46.97 -14.59 -4.66
C SER B 36 -48.36 -14.51 -4.03
N VAL B 37 -48.47 -13.90 -2.87
CA VAL B 37 -49.75 -13.83 -2.12
C VAL B 37 -50.63 -12.72 -2.71
N LEU B 38 -50.10 -11.51 -2.89
CA LEU B 38 -50.92 -10.37 -3.38
C LEU B 38 -51.50 -10.71 -4.76
N CYS B 39 -50.71 -11.31 -5.64
CA CYS B 39 -51.10 -11.43 -7.06
C CYS B 39 -51.37 -12.88 -7.45
N ASP B 40 -51.41 -13.79 -6.49
CA ASP B 40 -51.81 -15.20 -6.71
C ASP B 40 -50.88 -15.82 -7.76
N CYS B 41 -49.56 -15.72 -7.60
CA CYS B 41 -48.65 -16.32 -8.58
C CYS B 41 -47.75 -17.33 -7.92
N GLU B 42 -47.11 -18.16 -8.75
CA GLU B 42 -46.14 -19.18 -8.34
C GLU B 42 -44.75 -18.65 -8.64
N ILE B 43 -43.89 -18.63 -7.64
CA ILE B 43 -42.52 -18.07 -7.79
C ILE B 43 -41.50 -19.09 -7.29
N ALA B 44 -40.43 -19.28 -8.03
CA ALA B 44 -39.23 -20.01 -7.60
C ALA B 44 -38.03 -19.09 -7.72
N LEU B 45 -37.18 -19.09 -6.72
CA LEU B 45 -35.98 -18.25 -6.59
C LEU B 45 -34.80 -19.16 -6.20
N ILE B 46 -33.81 -19.19 -7.05
CA ILE B 46 -32.55 -19.93 -6.84
C ILE B 46 -31.42 -18.92 -6.75
N ILE B 47 -30.65 -18.99 -5.66
CA ILE B 47 -29.46 -18.11 -5.44
C ILE B 47 -28.24 -18.98 -5.17
N PHE B 48 -27.22 -18.84 -6.02
CA PHE B 48 -25.86 -19.35 -5.71
C PHE B 48 -25.00 -18.17 -5.27
N ASN B 49 -24.40 -18.22 -4.09
CA ASN B 49 -23.50 -17.14 -3.63
C ASN B 49 -22.14 -17.30 -4.32
N SER B 50 -21.18 -16.42 -3.99
CA SER B 50 -19.83 -16.43 -4.61
C SER B 50 -19.09 -17.74 -4.35
N SER B 51 -19.40 -18.48 -3.28
CA SER B 51 -18.76 -19.81 -3.04
C SER B 51 -19.56 -20.94 -3.73
N ASN B 52 -20.62 -20.63 -4.47
CA ASN B 52 -21.52 -21.66 -5.08
C ASN B 52 -22.33 -22.43 -4.01
N LYS B 53 -22.62 -21.81 -2.87
CA LYS B 53 -23.63 -22.39 -1.94
C LYS B 53 -25.03 -22.00 -2.46
N LEU B 54 -25.99 -22.90 -2.31
CA LEU B 54 -27.35 -22.77 -2.84
C LEU B 54 -28.32 -22.32 -1.76
N PHE B 55 -29.09 -21.28 -2.04
CA PHE B 55 -30.20 -20.79 -1.18
C PHE B 55 -31.43 -20.74 -2.08
N GLN B 56 -32.56 -21.30 -1.65
CA GLN B 56 -33.76 -21.35 -2.51
C GLN B 56 -34.98 -20.89 -1.73
N TYR B 57 -35.92 -20.33 -2.47
CA TYR B 57 -37.29 -20.02 -2.04
C TYR B 57 -38.25 -20.47 -3.13
N ALA B 58 -39.39 -20.99 -2.77
CA ALA B 58 -40.50 -21.19 -3.71
C ALA B 58 -41.81 -21.00 -2.96
N SER B 59 -42.79 -20.41 -3.62
CA SER B 59 -44.08 -20.12 -2.97
C SER B 59 -44.86 -21.43 -2.90
N THR B 60 -44.48 -22.46 -3.65
CA THR B 60 -45.20 -23.73 -3.85
C THR B 60 -44.12 -24.77 -4.11
N ASP B 61 -44.45 -26.01 -4.37
CA ASP B 61 -43.54 -27.13 -4.72
C ASP B 61 -42.57 -26.69 -5.84
N MET B 62 -41.28 -26.74 -5.55
CA MET B 62 -40.23 -26.28 -6.50
C MET B 62 -40.29 -27.15 -7.78
N ASP B 63 -40.39 -28.46 -7.67
CA ASP B 63 -40.31 -29.39 -8.83
C ASP B 63 -41.47 -29.11 -9.81
N LYS B 64 -42.65 -28.76 -9.32
CA LYS B 64 -43.81 -28.40 -10.20
C LYS B 64 -43.49 -27.10 -10.95
N VAL B 65 -42.91 -26.11 -10.30
CA VAL B 65 -42.58 -24.84 -11.03
C VAL B 65 -41.54 -25.14 -12.12
N LEU B 66 -40.50 -25.91 -11.81
CA LEU B 66 -39.40 -26.16 -12.77
C LEU B 66 -39.91 -26.99 -13.95
N LEU B 67 -40.83 -27.90 -13.72
CA LEU B 67 -41.45 -28.72 -14.80
C LEU B 67 -42.26 -27.79 -15.73
N LYS B 68 -43.09 -26.94 -15.18
CA LYS B 68 -43.83 -25.93 -15.97
C LYS B 68 -42.84 -25.06 -16.77
N TYR B 69 -41.74 -24.64 -16.15
CA TYR B 69 -40.67 -23.86 -16.82
C TYR B 69 -40.18 -24.65 -18.05
N THR B 70 -39.83 -25.93 -17.90
CA THR B 70 -39.11 -26.69 -18.95
C THR B 70 -40.08 -26.99 -20.09
N GLU B 71 -41.38 -27.07 -19.81
CA GLU B 71 -42.37 -27.40 -20.87
C GLU B 71 -42.86 -26.11 -21.56
N TYR B 72 -42.49 -24.93 -21.07
CA TYR B 72 -43.04 -23.67 -21.64
C TYR B 72 -42.39 -23.37 -22.99
N SER B 73 -43.18 -23.22 -24.05
CA SER B 73 -42.66 -23.04 -25.44
C SER B 73 -42.84 -21.59 -25.92
N GLU B 74 -43.79 -20.83 -25.38
CA GLU B 74 -44.18 -19.51 -25.96
C GLU B 74 -43.10 -18.48 -25.60
N PRO B 75 -42.90 -17.44 -26.44
CA PRO B 75 -42.02 -16.34 -26.10
C PRO B 75 -42.57 -15.56 -24.91
N HIS B 76 -41.66 -15.05 -24.09
CA HIS B 76 -42.04 -14.52 -22.77
C HIS B 76 -40.96 -13.55 -22.31
N GLU B 77 -41.32 -12.61 -21.44
CA GLU B 77 -40.39 -11.68 -20.78
C GLU B 77 -39.28 -12.48 -20.11
N SER B 78 -38.04 -12.10 -20.39
CA SER B 78 -36.82 -12.77 -19.90
C SER B 78 -35.79 -11.69 -19.67
N ARG B 79 -35.53 -11.34 -18.44
CA ARG B 79 -34.57 -10.28 -18.09
C ARG B 79 -33.28 -10.87 -17.54
N THR B 80 -32.17 -10.16 -17.78
CA THR B 80 -30.85 -10.48 -17.19
C THR B 80 -30.24 -9.18 -16.66
N ASN B 81 -29.09 -9.29 -16.02
CA ASN B 81 -28.38 -8.14 -15.44
C ASN B 81 -28.15 -7.12 -16.54
N THR B 82 -27.69 -7.57 -17.72
CA THR B 82 -27.35 -6.65 -18.82
C THR B 82 -28.57 -5.75 -19.14
N ASP B 83 -29.74 -6.38 -19.35
CA ASP B 83 -30.88 -5.57 -19.86
C ASP B 83 -31.52 -4.82 -18.69
N ILE B 84 -31.45 -5.29 -17.46
CA ILE B 84 -31.99 -4.49 -16.32
C ILE B 84 -31.16 -3.22 -16.18
N LEU B 85 -29.83 -3.30 -16.24
CA LEU B 85 -28.97 -2.08 -16.20
C LEU B 85 -29.36 -1.12 -17.33
N GLU B 86 -29.58 -1.62 -18.55
CA GLU B 86 -29.95 -0.77 -19.70
C GLU B 86 -31.31 -0.10 -19.44
N THR B 87 -32.29 -0.83 -18.90
CA THR B 87 -33.60 -0.25 -18.54
C THR B 87 -33.38 0.90 -17.53
N LEU B 88 -32.58 0.67 -16.49
CA LEU B 88 -32.37 1.66 -15.39
C LEU B 88 -31.68 2.90 -15.93
N LYS B 89 -30.68 2.74 -16.81
CA LYS B 89 -30.00 3.89 -17.46
C LYS B 89 -31.02 4.68 -18.26
N ARG B 90 -31.87 4.02 -19.04
CA ARG B 90 -32.83 4.75 -19.90
C ARG B 90 -33.76 5.62 -19.04
N ARG B 91 -34.03 5.25 -17.80
CA ARG B 91 -34.65 6.20 -16.82
C ARG B 91 -33.56 7.21 -16.38
N GLU B 92 -33.25 8.18 -17.25
CA GLU B 92 -31.92 8.87 -17.36
C GLU B 92 -31.76 9.77 -16.13
N GLY C 2 25.79 33.95 24.26
CA GLY C 2 26.56 33.81 25.51
C GLY C 2 27.20 35.13 25.87
N ARG C 3 28.24 35.12 26.71
CA ARG C 3 28.84 36.38 27.20
C ARG C 3 29.30 37.22 26.00
N LYS C 4 29.76 36.58 24.91
CA LYS C 4 30.16 37.26 23.64
C LYS C 4 29.65 36.45 22.45
N LYS C 5 29.42 37.13 21.31
CA LYS C 5 29.07 36.57 19.98
C LYS C 5 30.27 35.76 19.49
N ILE C 6 30.07 34.56 18.93
CA ILE C 6 31.23 33.82 18.34
C ILE C 6 31.09 33.74 16.83
N GLN C 7 32.23 33.64 16.17
CA GLN C 7 32.34 33.39 14.72
C GLN C 7 32.09 31.90 14.51
N ILE C 8 31.39 31.56 13.44
CA ILE C 8 31.22 30.14 13.02
C ILE C 8 32.45 29.75 12.20
N THR C 9 33.47 29.29 12.91
CA THR C 9 34.78 28.90 12.35
C THR C 9 35.35 27.82 13.27
N ARG C 10 36.16 26.93 12.73
CA ARG C 10 36.62 25.70 13.46
C ARG C 10 37.34 26.15 14.74
N ILE C 11 36.96 25.57 15.86
CA ILE C 11 37.66 25.82 17.15
C ILE C 11 38.95 25.00 17.13
N MET C 12 40.09 25.64 17.22
CA MET C 12 41.37 24.99 16.88
C MET C 12 41.92 24.24 18.10
N ASP C 13 41.68 24.76 19.31
CA ASP C 13 42.10 24.12 20.60
C ASP C 13 41.21 22.90 20.85
N GLU C 14 41.79 21.71 20.90
CA GLU C 14 41.05 20.43 21.10
C GLU C 14 40.22 20.46 22.40
N ARG C 15 40.76 20.97 23.49
CA ARG C 15 40.01 20.93 24.77
C ARG C 15 38.79 21.85 24.66
N ASN C 16 38.94 23.07 24.13
CA ASN C 16 37.78 24.00 23.97
C ASN C 16 36.81 23.40 22.95
N ARG C 17 37.34 22.78 21.90
CA ARG C 17 36.45 22.18 20.88
C ARG C 17 35.55 21.14 21.52
N GLN C 18 36.11 20.27 22.38
CA GLN C 18 35.35 19.18 23.06
C GLN C 18 34.31 19.81 24.02
N VAL C 19 34.62 20.87 24.76
CA VAL C 19 33.62 21.50 25.67
C VAL C 19 32.42 21.99 24.83
N THR C 20 32.69 22.70 23.73
CA THR C 20 31.64 23.22 22.85
C THR C 20 30.85 22.04 22.24
N PHE C 21 31.55 21.02 21.79
CA PHE C 21 30.94 19.83 21.12
C PHE C 21 29.93 19.17 22.06
N THR C 22 30.31 18.94 23.32
CA THR C 22 29.42 18.30 24.32
C THR C 22 28.16 19.15 24.51
N LYS C 23 28.31 20.45 24.72
CA LYS C 23 27.16 21.35 24.98
C LYS C 23 26.28 21.39 23.73
N ARG C 24 26.86 21.70 22.59
CA ARG C 24 26.03 21.92 21.39
C ARG C 24 25.46 20.58 20.87
N LYS C 25 26.12 19.46 21.07
CA LYS C 25 25.56 18.17 20.58
C LYS C 25 24.25 17.89 21.34
N PHE C 26 24.26 18.10 22.63
CA PHE C 26 23.02 17.88 23.43
C PHE C 26 21.96 18.87 23.00
N GLY C 27 22.32 20.13 22.79
CA GLY C 27 21.37 21.18 22.39
C GLY C 27 20.73 20.87 21.06
N LEU C 28 21.49 20.29 20.14
CA LEU C 28 20.99 19.87 18.81
C LEU C 28 20.03 18.69 18.98
N MET C 29 20.39 17.70 19.77
CA MET C 29 19.51 16.53 20.04
C MET C 29 18.25 16.99 20.78
N LYS C 30 18.35 17.98 21.65
CA LYS C 30 17.15 18.50 22.36
C LYS C 30 16.22 19.16 21.34
N LYS C 31 16.75 19.95 20.40
CA LYS C 31 15.92 20.58 19.36
C LYS C 31 15.31 19.51 18.44
N ALA C 32 16.04 18.43 18.15
CA ALA C 32 15.51 17.35 17.29
C ALA C 32 14.33 16.67 18.03
N TYR C 33 14.51 16.39 19.30
CA TYR C 33 13.49 15.79 20.18
C TYR C 33 12.27 16.68 20.16
N GLU C 34 12.43 17.99 20.32
CA GLU C 34 11.28 18.93 20.42
C GLU C 34 10.53 18.97 19.08
N LEU C 35 11.25 19.09 17.97
CA LEU C 35 10.61 19.04 16.64
C LEU C 35 9.88 17.70 16.46
N SER C 36 10.48 16.57 16.82
CA SER C 36 9.86 15.22 16.61
C SER C 36 8.53 15.16 17.38
N VAL C 37 8.48 15.70 18.59
CA VAL C 37 7.27 15.59 19.44
C VAL C 37 6.28 16.64 19.02
N LEU C 38 6.68 17.90 18.88
CA LEU C 38 5.70 18.98 18.57
C LEU C 38 5.02 18.68 17.24
N CYS C 39 5.79 18.19 16.26
CA CYS C 39 5.30 18.17 14.84
C CYS C 39 5.12 16.72 14.36
N ASP C 40 5.22 15.76 15.25
CA ASP C 40 4.91 14.34 14.97
C ASP C 40 5.78 13.85 13.80
N CYS C 41 7.09 14.06 13.89
CA CYS C 41 8.09 13.75 12.84
C CYS C 41 8.94 12.57 13.29
N GLU C 42 9.47 11.85 12.33
CA GLU C 42 10.51 10.83 12.56
C GLU C 42 11.83 11.45 12.12
N ILE C 43 12.80 11.44 13.00
CA ILE C 43 14.09 12.13 12.78
C ILE C 43 15.23 11.15 13.04
N ALA C 44 16.24 11.17 12.18
CA ALA C 44 17.54 10.53 12.46
C ALA C 44 18.64 11.59 12.35
N LEU C 45 19.60 11.54 13.26
CA LEU C 45 20.77 12.45 13.28
C LEU C 45 22.01 11.60 13.50
N ILE C 46 22.96 11.72 12.57
CA ILE C 46 24.27 11.02 12.66
C ILE C 46 25.37 12.07 12.75
N ILE C 47 26.24 11.94 13.76
CA ILE C 47 27.40 12.84 13.98
C ILE C 47 28.66 11.99 14.10
N PHE C 48 29.64 12.24 13.23
CA PHE C 48 31.04 11.78 13.46
C PHE C 48 31.84 12.99 13.92
N ASN C 49 32.43 12.95 15.12
CA ASN C 49 33.22 14.08 15.65
C ASN C 49 34.59 14.07 14.99
N SER C 50 35.46 15.01 15.38
CA SER C 50 36.80 15.20 14.75
C SER C 50 37.66 13.95 14.95
N SER C 51 37.45 13.13 16.00
CA SER C 51 38.22 11.88 16.19
C SER C 51 37.52 10.70 15.49
N ASN C 52 36.45 10.94 14.73
CA ASN C 52 35.68 9.86 14.03
C ASN C 52 34.91 8.97 15.02
N LYS C 53 34.56 9.46 16.20
CA LYS C 53 33.57 8.76 17.07
C LYS C 53 32.17 9.04 16.55
N LEU C 54 31.28 8.06 16.66
CA LEU C 54 29.91 8.13 16.12
C LEU C 54 28.93 8.40 17.26
N PHE C 55 28.10 9.41 17.12
CA PHE C 55 27.00 9.78 18.03
C PHE C 55 25.74 9.85 17.20
N GLN C 56 24.68 9.25 17.65
CA GLN C 56 23.43 9.16 16.89
C GLN C 56 22.28 9.47 17.82
N TYR C 57 21.25 10.05 17.20
CA TYR C 57 19.91 10.25 17.79
C TYR C 57 18.90 9.76 16.76
N ALA C 58 17.83 9.17 17.25
CA ALA C 58 16.66 8.89 16.40
C ALA C 58 15.43 9.02 17.28
N SER C 59 14.35 9.54 16.74
CA SER C 59 13.18 9.87 17.59
C SER C 59 12.65 8.57 18.24
N THR C 60 12.57 7.51 17.45
CA THR C 60 12.21 6.18 17.96
C THR C 60 13.19 5.12 17.50
N ASP C 61 13.40 4.96 16.20
CA ASP C 61 14.05 3.74 15.64
C ASP C 61 14.94 4.12 14.47
N MET C 62 16.25 4.04 14.64
CA MET C 62 17.23 4.45 13.63
C MET C 62 17.05 3.62 12.34
N ASP C 63 16.98 2.30 12.44
CA ASP C 63 16.91 1.41 11.24
C ASP C 63 15.66 1.74 10.40
N LYS C 64 14.53 2.01 11.04
CA LYS C 64 13.26 2.31 10.33
C LYS C 64 13.39 3.64 9.59
N VAL C 65 14.01 4.66 10.20
CA VAL C 65 14.14 5.94 9.47
C VAL C 65 15.06 5.76 8.26
N LEU C 66 16.19 5.07 8.42
CA LEU C 66 17.17 4.91 7.31
C LEU C 66 16.56 4.07 6.19
N LEU C 67 15.76 3.06 6.51
CA LEU C 67 15.06 2.22 5.48
C LEU C 67 14.06 3.10 4.71
N LYS C 68 13.24 3.88 5.42
CA LYS C 68 12.31 4.83 4.76
C LYS C 68 13.08 5.78 3.86
N TYR C 69 14.23 6.27 4.31
CA TYR C 69 15.12 7.15 3.50
C TYR C 69 15.48 6.42 2.20
N THR C 70 15.94 5.17 2.26
CA THR C 70 16.53 4.49 1.09
C THR C 70 15.41 4.10 0.11
N GLU C 71 14.17 3.97 0.59
CA GLU C 71 13.04 3.61 -0.30
C GLU C 71 12.41 4.86 -0.89
N TYR C 72 12.77 6.05 -0.43
CA TYR C 72 12.08 7.29 -0.87
C TYR C 72 12.53 7.64 -2.29
N SER C 73 11.56 7.66 -3.23
CA SER C 73 11.79 7.73 -4.69
C SER C 73 11.34 9.09 -5.22
N GLU C 74 10.43 9.79 -4.50
CA GLU C 74 9.95 11.14 -4.87
C GLU C 74 11.10 12.14 -4.72
N PRO C 75 11.09 13.23 -5.52
CA PRO C 75 12.00 14.35 -5.27
C PRO C 75 11.68 15.01 -3.92
N HIS C 76 12.67 15.57 -3.26
CA HIS C 76 12.52 15.98 -1.85
C HIS C 76 13.49 17.11 -1.52
N GLU C 77 13.15 17.94 -0.53
CA GLU C 77 14.03 19.03 -0.07
C GLU C 77 15.35 18.44 0.44
N SER C 78 16.45 19.03 -0.01
CA SER C 78 17.84 18.60 0.28
C SER C 78 18.68 19.83 0.59
N ARG C 79 19.31 19.90 1.77
CA ARG C 79 20.15 21.05 2.14
C ARG C 79 21.58 20.59 2.44
N THR C 80 22.54 21.45 2.12
CA THR C 80 23.96 21.35 2.52
C THR C 80 24.37 22.64 3.18
N ASN C 81 25.60 22.67 3.70
CA ASN C 81 26.17 23.88 4.34
C ASN C 81 26.05 25.07 3.37
N THR C 82 26.36 24.86 2.09
CA THR C 82 26.30 25.96 1.11
C THR C 82 24.88 26.56 1.07
N ASP C 83 23.81 25.77 1.08
CA ASP C 83 22.41 26.31 1.04
C ASP C 83 22.05 27.07 2.31
N ILE C 84 22.47 26.56 3.46
CA ILE C 84 22.17 27.20 4.76
C ILE C 84 22.86 28.57 4.78
N LEU C 85 24.14 28.62 4.41
CA LEU C 85 24.91 29.91 4.32
C LEU C 85 24.19 30.90 3.40
N GLU C 86 23.72 30.44 2.24
CA GLU C 86 23.04 31.32 1.25
C GLU C 86 21.75 31.86 1.88
N THR C 87 20.98 31.01 2.56
CA THR C 87 19.74 31.47 3.23
C THR C 87 20.10 32.55 4.26
N LEU C 88 21.13 32.32 5.08
CA LEU C 88 21.51 33.25 6.19
C LEU C 88 21.93 34.60 5.61
N LYS C 89 22.73 34.60 4.54
CA LYS C 89 23.21 35.90 3.96
C LYS C 89 21.96 36.59 3.37
N ARG C 90 21.34 37.44 4.20
CA ARG C 90 19.94 37.94 4.08
C ARG C 90 19.57 38.60 5.42
N GLY D 2 9.64 32.71 22.93
CA GLY D 2 8.27 32.69 22.38
C GLY D 2 7.39 33.61 23.19
N ARG D 3 6.27 34.10 22.61
CA ARG D 3 5.39 35.02 23.37
C ARG D 3 4.89 34.29 24.63
N LYS D 4 4.73 32.97 24.60
CA LYS D 4 4.35 32.14 25.78
C LYS D 4 5.20 30.86 25.79
N LYS D 5 5.42 30.29 26.97
CA LYS D 5 6.07 28.97 27.20
C LYS D 5 5.14 27.89 26.63
N ILE D 6 5.65 26.92 25.88
CA ILE D 6 4.84 25.75 25.45
C ILE D 6 5.37 24.50 26.12
N GLN D 7 4.47 23.56 26.34
CA GLN D 7 4.83 22.15 26.69
C GLN D 7 5.30 21.48 25.38
N ILE D 8 6.25 20.56 25.50
CA ILE D 8 6.69 19.72 24.36
C ILE D 8 5.73 18.54 24.28
N THR D 9 4.65 18.74 23.55
CA THR D 9 3.60 17.70 23.31
C THR D 9 3.02 17.97 21.92
N ARG D 10 2.51 16.93 21.26
CA ARG D 10 2.10 17.03 19.84
C ARG D 10 1.13 18.20 19.68
N ILE D 11 1.43 19.07 18.72
CA ILE D 11 0.53 20.20 18.36
C ILE D 11 -0.62 19.61 17.55
N MET D 12 -1.85 19.76 18.03
CA MET D 12 -3.01 19.06 17.44
C MET D 12 -3.50 19.77 16.18
N ASP D 13 -3.42 21.11 16.17
CA ASP D 13 -3.86 21.99 15.06
C ASP D 13 -2.87 21.86 13.89
N GLU D 14 -3.36 21.37 12.76
CA GLU D 14 -2.50 21.05 11.57
C GLU D 14 -1.78 22.30 11.09
N ARG D 15 -2.47 23.43 11.03
CA ARG D 15 -1.88 24.68 10.51
C ARG D 15 -0.73 25.11 11.43
N ASN D 16 -0.93 25.14 12.73
CA ASN D 16 0.10 25.55 13.74
C ASN D 16 1.24 24.52 13.67
N ARG D 17 0.91 23.24 13.54
CA ARG D 17 1.97 22.22 13.48
C ARG D 17 2.88 22.49 12.28
N GLN D 18 2.31 22.79 11.11
CA GLN D 18 3.07 23.04 9.86
C GLN D 18 3.92 24.32 10.03
N VAL D 19 3.39 25.39 10.63
CA VAL D 19 4.18 26.65 10.73
C VAL D 19 5.37 26.38 11.66
N THR D 20 5.13 25.68 12.76
CA THR D 20 6.17 25.35 13.77
C THR D 20 7.22 24.46 13.10
N PHE D 21 6.77 23.48 12.32
CA PHE D 21 7.68 22.53 11.63
C PHE D 21 8.67 23.31 10.75
N THR D 22 8.17 24.21 9.92
CA THR D 22 8.99 24.96 8.95
C THR D 22 10.02 25.81 9.70
N LYS D 23 9.60 26.56 10.73
CA LYS D 23 10.51 27.39 11.54
C LYS D 23 11.57 26.50 12.22
N ARG D 24 11.13 25.48 12.94
CA ARG D 24 12.09 24.72 13.77
C ARG D 24 12.98 23.82 12.90
N LYS D 25 12.51 23.39 11.74
CA LYS D 25 13.35 22.55 10.85
C LYS D 25 14.57 23.37 10.42
N PHE D 26 14.35 24.61 10.03
CA PHE D 26 15.48 25.46 9.60
C PHE D 26 16.41 25.70 10.81
N GLY D 27 15.83 25.98 11.98
CA GLY D 27 16.63 26.24 13.20
C GLY D 27 17.52 25.05 13.55
N LEU D 28 17.00 23.83 13.35
CA LEU D 28 17.74 22.59 13.64
C LEU D 28 18.87 22.41 12.61
N MET D 29 18.60 22.65 11.33
CA MET D 29 19.62 22.55 10.28
C MET D 29 20.70 23.62 10.50
N LYS D 30 20.29 24.78 10.97
CA LYS D 30 21.28 25.85 11.22
C LYS D 30 22.23 25.44 12.37
N LYS D 31 21.69 24.86 13.43
CA LYS D 31 22.52 24.39 14.56
C LYS D 31 23.40 23.20 14.10
N ALA D 32 22.94 22.35 13.18
CA ALA D 32 23.75 21.23 12.68
C ALA D 32 24.94 21.83 11.90
N TYR D 33 24.67 22.82 11.06
CA TYR D 33 25.72 23.51 10.28
C TYR D 33 26.75 24.07 11.25
N GLU D 34 26.30 24.75 12.30
CA GLU D 34 27.22 25.44 13.27
C GLU D 34 28.08 24.39 13.99
N LEU D 35 27.48 23.33 14.48
CA LEU D 35 28.24 22.24 15.11
C LEU D 35 29.24 21.63 14.14
N SER D 36 28.86 21.37 12.89
CA SER D 36 29.78 20.75 11.89
C SER D 36 31.01 21.64 11.68
N VAL D 37 30.82 22.95 11.65
CA VAL D 37 31.95 23.89 11.38
C VAL D 37 32.76 24.12 12.67
N LEU D 38 32.10 24.42 13.79
CA LEU D 38 32.81 24.74 15.04
C LEU D 38 33.66 23.53 15.47
N CYS D 39 33.13 22.34 15.35
CA CYS D 39 33.74 21.16 15.99
C CYS D 39 34.28 20.17 14.95
N ASP D 40 34.31 20.54 13.66
CA ASP D 40 34.92 19.68 12.59
C ASP D 40 34.21 18.31 12.60
N CYS D 41 32.89 18.29 12.53
CA CYS D 41 32.05 17.08 12.52
C CYS D 41 31.44 16.86 11.15
N GLU D 42 31.15 15.62 10.81
CA GLU D 42 30.35 15.28 9.60
C GLU D 42 28.96 14.91 10.13
N ILE D 43 27.92 15.58 9.64
CA ILE D 43 26.56 15.42 10.19
C ILE D 43 25.59 15.08 9.06
N ALA D 44 24.71 14.13 9.32
CA ALA D 44 23.53 13.90 8.43
C ALA D 44 22.26 13.99 9.28
N LEU D 45 21.23 14.61 8.72
CA LEU D 45 19.93 14.81 9.38
C LEU D 45 18.84 14.43 8.38
N ILE D 46 18.02 13.47 8.76
CA ILE D 46 16.87 12.98 7.97
C ILE D 46 15.60 13.26 8.78
N ILE D 47 14.65 13.95 8.16
CA ILE D 47 13.36 14.30 8.80
C ILE D 47 12.22 13.87 7.91
N PHE D 48 11.33 13.02 8.41
CA PHE D 48 10.00 12.76 7.80
C PHE D 48 8.95 13.55 8.58
N ASN D 49 8.18 14.40 7.93
CA ASN D 49 7.10 15.15 8.61
C ASN D 49 5.90 14.22 8.80
N SER D 50 4.80 14.72 9.41
CA SER D 50 3.61 13.89 9.72
C SER D 50 2.96 13.37 8.43
N SER D 51 3.12 14.05 7.28
CA SER D 51 2.58 13.55 5.98
C SER D 51 3.60 12.64 5.28
N ASN D 52 4.70 12.28 5.94
CA ASN D 52 5.76 11.37 5.39
C ASN D 52 6.54 12.03 4.24
N LYS D 53 6.61 13.35 4.17
CA LYS D 53 7.54 14.02 3.24
C LYS D 53 8.95 14.00 3.85
N LEU D 54 9.97 13.84 3.03
CA LEU D 54 11.39 13.74 3.44
C LEU D 54 12.10 15.08 3.27
N PHE D 55 12.76 15.55 4.32
CA PHE D 55 13.66 16.74 4.30
C PHE D 55 15.01 16.28 4.82
N GLN D 56 16.09 16.61 4.14
CA GLN D 56 17.42 16.13 4.55
C GLN D 56 18.41 17.30 4.55
N TYR D 57 19.38 17.17 5.43
CA TYR D 57 20.60 18.03 5.51
C TYR D 57 21.80 17.11 5.69
N ALA D 58 22.92 17.47 5.07
CA ALA D 58 24.21 16.85 5.40
C ALA D 58 25.29 17.91 5.26
N SER D 59 26.29 17.87 6.13
CA SER D 59 27.27 18.96 6.21
C SER D 59 28.18 18.86 5.00
N THR D 60 28.28 17.70 4.36
CA THR D 60 29.38 17.39 3.40
C THR D 60 28.74 16.83 2.11
N ASP D 61 28.21 15.62 2.20
CA ASP D 61 27.67 14.83 1.07
C ASP D 61 26.91 13.71 1.75
N MET D 62 25.60 13.60 1.55
CA MET D 62 24.76 12.66 2.33
C MET D 62 25.24 11.22 2.12
N ASP D 63 25.48 10.80 0.88
CA ASP D 63 25.82 9.40 0.52
C ASP D 63 27.12 8.98 1.20
N LYS D 64 28.12 9.87 1.29
CA LYS D 64 29.39 9.55 1.99
C LYS D 64 29.12 9.34 3.50
N VAL D 65 28.28 10.15 4.11
CA VAL D 65 28.06 10.01 5.58
C VAL D 65 27.32 8.69 5.81
N LEU D 66 26.31 8.37 4.99
CA LEU D 66 25.49 7.16 5.21
C LEU D 66 26.33 5.92 5.00
N LEU D 67 27.23 5.93 4.02
CA LEU D 67 28.12 4.78 3.77
C LEU D 67 29.05 4.59 4.98
N LYS D 68 29.69 5.65 5.46
CA LYS D 68 30.52 5.58 6.69
C LYS D 68 29.70 5.02 7.86
N TYR D 69 28.46 5.50 8.03
CA TYR D 69 27.54 5.00 9.06
C TYR D 69 27.39 3.46 8.91
N THR D 70 27.07 2.97 7.73
CA THR D 70 26.66 1.54 7.55
C THR D 70 27.90 0.64 7.69
N GLU D 71 29.10 1.16 7.44
CA GLU D 71 30.35 0.37 7.58
C GLU D 71 30.87 0.40 9.02
N TYR D 72 30.35 1.26 9.86
CA TYR D 72 30.89 1.51 11.22
C TYR D 72 30.37 0.41 12.13
N SER D 73 31.03 0.02 13.21
CA SER D 73 30.62 -1.21 13.95
C SER D 73 29.42 -0.94 14.87
N GLU D 74 29.51 0.07 15.75
CA GLU D 74 28.41 0.46 16.65
CA GLU D 74 28.42 0.45 16.69
C GLU D 74 28.69 1.87 17.19
N PRO D 75 27.66 2.69 17.38
CA PRO D 75 27.85 4.04 17.86
C PRO D 75 28.40 4.09 19.28
N HIS D 76 29.18 5.12 19.55
CA HIS D 76 29.70 5.42 20.89
C HIS D 76 28.54 5.91 21.77
N GLU D 77 27.55 6.57 21.18
CA GLU D 77 26.35 7.07 21.88
C GLU D 77 25.13 6.86 20.96
N SER D 78 24.01 6.43 21.54
CA SER D 78 22.70 6.35 20.88
C SER D 78 21.62 6.94 21.81
N ARG D 79 20.89 7.94 21.34
CA ARG D 79 19.80 8.59 22.10
C ARG D 79 18.52 8.53 21.28
N THR D 80 17.39 8.42 21.98
CA THR D 80 16.02 8.46 21.44
C THR D 80 15.23 9.44 22.28
N ASN D 81 13.98 9.71 21.89
CA ASN D 81 13.13 10.69 22.58
C ASN D 81 13.03 10.31 24.05
N THR D 82 12.88 9.03 24.36
CA THR D 82 12.74 8.58 25.76
C THR D 82 13.99 9.00 26.56
N ASP D 83 15.20 8.84 26.06
CA ASP D 83 16.44 9.20 26.81
C ASP D 83 16.58 10.71 26.99
N ILE D 84 16.22 11.48 25.97
CA ILE D 84 16.34 12.95 26.03
C ILE D 84 15.34 13.44 27.10
N LEU D 85 14.10 12.96 27.08
CA LEU D 85 13.04 13.31 28.08
C LEU D 85 13.54 12.97 29.49
N GLU D 86 14.18 11.78 29.68
CA GLU D 86 14.71 11.38 31.00
C GLU D 86 15.78 12.36 31.44
N THR D 87 16.69 12.74 30.55
CA THR D 87 17.71 13.76 30.89
C THR D 87 17.04 15.06 31.33
N LEU D 88 16.04 15.53 30.59
CA LEU D 88 15.43 16.86 30.80
C LEU D 88 14.57 16.88 32.05
N LYS D 89 14.04 15.75 32.56
CA LYS D 89 13.18 15.78 33.78
C LYS D 89 13.82 16.60 34.91
N ARG D 90 15.12 16.42 35.17
CA ARG D 90 15.81 17.11 36.24
C ARG D 90 17.32 17.04 35.95
N ARG D 91 18.09 17.95 36.54
CA ARG D 91 19.56 17.92 36.54
C ARG D 91 20.07 16.49 36.84
N GLU D 92 21.05 16.03 36.07
CA GLU D 92 21.65 14.69 36.19
C GLU D 92 22.62 14.69 37.38
N HIS D 93 22.79 13.55 38.07
CA HIS D 93 23.76 13.40 39.19
C HIS D 93 25.17 13.71 38.64
N ARG D 94 26.12 14.22 39.45
CA ARG D 94 27.43 14.79 38.97
C ARG D 94 28.27 13.74 38.22
N GLY I 2 -7.04 0.60 -19.57
CA GLY I 2 -8.43 0.85 -20.01
C GLY I 2 -8.92 2.20 -19.54
N ARG I 3 -10.12 2.58 -19.96
CA ARG I 3 -10.63 3.95 -19.65
C ARG I 3 -10.72 4.11 -18.13
N LYS I 4 -10.97 3.04 -17.38
CA LYS I 4 -10.95 3.00 -15.89
C LYS I 4 -10.28 1.67 -15.48
N LYS I 5 -9.64 1.63 -14.32
CA LYS I 5 -9.04 0.44 -13.67
C LYS I 5 -10.21 -0.49 -13.29
N ILE I 6 -10.08 -1.80 -13.52
CA ILE I 6 -11.15 -2.73 -13.07
C ILE I 6 -10.67 -3.55 -11.89
N GLN I 7 -11.64 -3.96 -11.09
CA GLN I 7 -11.45 -4.94 -10.00
C GLN I 7 -11.41 -6.31 -10.66
N ILE I 8 -10.55 -7.18 -10.16
CA ILE I 8 -10.47 -8.60 -10.60
C ILE I 8 -11.48 -9.37 -9.77
N THR I 9 -12.70 -9.40 -10.26
CA THR I 9 -13.91 -9.97 -9.63
C THR I 9 -14.85 -10.36 -10.76
N ARG I 10 -15.67 -11.37 -10.56
CA ARG I 10 -16.47 -11.99 -11.63
C ARG I 10 -17.38 -10.92 -12.23
N ILE I 11 -17.39 -10.78 -13.54
CA ILE I 11 -18.26 -9.81 -14.24
C ILE I 11 -19.66 -10.46 -14.28
N MET I 12 -20.65 -9.82 -13.71
CA MET I 12 -21.99 -10.44 -13.67
C MET I 12 -22.91 -9.86 -14.76
N ASP I 13 -22.44 -8.95 -15.58
CA ASP I 13 -23.13 -8.45 -16.81
C ASP I 13 -22.72 -9.37 -17.97
N GLU I 14 -23.64 -10.19 -18.49
CA GLU I 14 -23.24 -11.26 -19.44
C GLU I 14 -22.66 -10.64 -20.74
N ARG I 15 -23.22 -9.56 -21.23
CA ARG I 15 -22.70 -8.91 -22.46
C ARG I 15 -21.24 -8.47 -22.25
N ASN I 16 -20.94 -7.77 -21.15
CA ASN I 16 -19.57 -7.30 -20.82
C ASN I 16 -18.69 -8.52 -20.58
N ARG I 17 -19.20 -9.54 -19.90
CA ARG I 17 -18.37 -10.75 -19.63
C ARG I 17 -17.92 -11.36 -20.96
N GLN I 18 -18.82 -11.49 -21.93
CA GLN I 18 -18.51 -12.19 -23.21
C GLN I 18 -17.52 -11.30 -24.03
N VAL I 19 -17.68 -9.99 -24.05
CA VAL I 19 -16.75 -9.12 -24.83
C VAL I 19 -15.38 -9.23 -24.19
N THR I 20 -15.32 -9.17 -22.86
CA THR I 20 -14.06 -9.24 -22.08
C THR I 20 -13.41 -10.60 -22.36
N PHE I 21 -14.18 -11.67 -22.32
CA PHE I 21 -13.67 -13.05 -22.54
C PHE I 21 -12.96 -13.14 -23.89
N THR I 22 -13.62 -12.71 -24.95
CA THR I 22 -13.10 -12.80 -26.33
C THR I 22 -11.80 -11.99 -26.43
N LYS I 23 -11.77 -10.76 -25.93
CA LYS I 23 -10.56 -9.89 -25.98
C LYS I 23 -9.46 -10.52 -25.15
N ARG I 24 -9.71 -10.88 -23.92
CA ARG I 24 -8.62 -11.33 -23.03
C ARG I 24 -8.15 -12.73 -23.42
N LYS I 25 -9.01 -13.55 -23.99
CA LYS I 25 -8.61 -14.91 -24.42
C LYS I 25 -7.54 -14.74 -25.52
N PHE I 26 -7.77 -13.86 -26.47
CA PHE I 26 -6.81 -13.65 -27.57
C PHE I 26 -5.55 -13.05 -26.98
N GLY I 27 -5.66 -12.07 -26.06
CA GLY I 27 -4.49 -11.44 -25.43
C GLY I 27 -3.60 -12.46 -24.69
N LEU I 28 -4.23 -13.45 -24.06
CA LEU I 28 -3.53 -14.54 -23.34
C LEU I 28 -2.84 -15.46 -24.35
N MET I 29 -3.51 -15.83 -25.43
CA MET I 29 -2.94 -16.71 -26.46
C MET I 29 -1.81 -15.95 -27.16
N LYS I 30 -1.92 -14.65 -27.35
CA LYS I 30 -0.85 -13.86 -27.98
C LYS I 30 0.39 -13.88 -27.09
N LYS I 31 0.22 -13.70 -25.77
CA LYS I 31 1.36 -13.73 -24.83
C LYS I 31 1.96 -15.13 -24.79
N ALA I 32 1.16 -16.19 -24.93
CA ALA I 32 1.66 -17.58 -24.93
C ALA I 32 2.52 -17.76 -26.19
N TYR I 33 2.04 -17.28 -27.32
CA TYR I 33 2.76 -17.38 -28.61
C TYR I 33 4.10 -16.69 -28.45
N GLU I 34 4.12 -15.49 -27.85
CA GLU I 34 5.37 -14.68 -27.74
C GLU I 34 6.36 -15.41 -26.83
N LEU I 35 5.90 -15.88 -25.70
CA LEU I 35 6.76 -16.66 -24.78
C LEU I 35 7.31 -17.92 -25.48
N SER I 36 6.47 -18.65 -26.22
CA SER I 36 6.89 -19.91 -26.89
C SER I 36 8.02 -19.61 -27.87
N VAL I 37 7.96 -18.49 -28.57
CA VAL I 37 8.95 -18.17 -29.62
C VAL I 37 10.20 -17.55 -28.95
N LEU I 38 10.03 -16.53 -28.11
CA LEU I 38 11.18 -15.85 -27.49
C LEU I 38 12.02 -16.86 -26.70
N CYS I 39 11.39 -17.77 -25.97
CA CYS I 39 12.12 -18.57 -24.97
C CYS I 39 12.13 -20.06 -25.35
N ASP I 40 11.73 -20.41 -26.57
CA ASP I 40 11.83 -21.81 -27.08
C ASP I 40 11.08 -22.75 -26.12
N CYS I 41 9.82 -22.44 -25.81
CA CYS I 41 8.94 -23.20 -24.89
C CYS I 41 7.87 -23.94 -25.67
N GLU I 42 7.36 -25.03 -25.11
CA GLU I 42 6.13 -25.69 -25.58
C GLU I 42 5.07 -25.33 -24.56
N ILE I 43 3.96 -24.80 -25.02
CA ILE I 43 2.88 -24.31 -24.15
C ILE I 43 1.54 -24.92 -24.58
N ALA I 44 0.77 -25.40 -23.60
CA ALA I 44 -0.62 -25.79 -23.80
C ALA I 44 -1.52 -24.99 -22.85
N LEU I 45 -2.73 -24.66 -23.33
CA LEU I 45 -3.71 -23.85 -22.58
C LEU I 45 -5.08 -24.46 -22.83
N ILE I 46 -5.76 -24.78 -21.74
CA ILE I 46 -7.14 -25.29 -21.70
C ILE I 46 -8.01 -24.27 -20.97
N ILE I 47 -9.11 -23.85 -21.60
CA ILE I 47 -10.08 -22.91 -21.01
C ILE I 47 -11.47 -23.51 -21.14
N PHE I 48 -12.18 -23.70 -20.03
CA PHE I 48 -13.63 -24.00 -20.07
C PHE I 48 -14.36 -22.72 -19.61
N ASN I 49 -15.25 -22.16 -20.43
CA ASN I 49 -16.05 -20.98 -20.00
C ASN I 49 -17.18 -21.44 -19.09
N SER I 50 -18.01 -20.48 -18.62
CA SER I 50 -19.08 -20.79 -17.64
C SER I 50 -20.15 -21.69 -18.28
N SER I 51 -20.30 -21.73 -19.61
CA SER I 51 -21.25 -22.71 -20.26
C SER I 51 -20.57 -24.07 -20.54
N ASN I 52 -19.33 -24.26 -20.10
CA ASN I 52 -18.55 -25.52 -20.35
C ASN I 52 -18.20 -25.69 -21.83
N LYS I 53 -18.05 -24.59 -22.59
CA LYS I 53 -17.40 -24.67 -23.90
C LYS I 53 -15.89 -24.71 -23.69
N LEU I 54 -15.20 -25.52 -24.51
CA LEU I 54 -13.76 -25.80 -24.36
C LEU I 54 -13.04 -24.97 -25.44
N PHE I 55 -12.06 -24.19 -25.05
CA PHE I 55 -11.17 -23.42 -25.93
C PHE I 55 -9.77 -23.89 -25.60
N GLN I 56 -9.03 -24.30 -26.63
CA GLN I 56 -7.66 -24.80 -26.41
C GLN I 56 -6.71 -24.06 -27.34
N TYR I 57 -5.49 -23.94 -26.85
CA TYR I 57 -4.34 -23.39 -27.58
C TYR I 57 -3.14 -24.27 -27.27
N ALA I 58 -2.29 -24.48 -28.26
CA ALA I 58 -0.97 -25.08 -28.04
C ALA I 58 -0.01 -24.42 -29.03
N SER I 59 1.23 -24.23 -28.62
CA SER I 59 2.20 -23.47 -29.42
C SER I 59 2.37 -24.18 -30.77
N THR I 60 2.50 -25.48 -30.73
CA THR I 60 2.57 -26.29 -31.98
C THR I 60 1.49 -27.38 -32.02
N ASP I 61 1.37 -28.23 -31.02
CA ASP I 61 0.49 -29.43 -31.10
C ASP I 61 -0.01 -29.80 -29.69
N MET I 62 -1.33 -29.75 -29.48
CA MET I 62 -1.90 -29.99 -28.14
C MET I 62 -1.55 -31.40 -27.64
N ASP I 63 -1.77 -32.42 -28.47
CA ASP I 63 -1.62 -33.84 -28.08
C ASP I 63 -0.18 -34.14 -27.66
N LYS I 64 0.79 -33.55 -28.34
CA LYS I 64 2.22 -33.77 -28.00
C LYS I 64 2.53 -33.16 -26.63
N VAL I 65 2.01 -31.99 -26.33
CA VAL I 65 2.30 -31.39 -24.98
C VAL I 65 1.66 -32.26 -23.89
N LEU I 66 0.44 -32.71 -24.09
CA LEU I 66 -0.29 -33.47 -23.02
C LEU I 66 0.38 -34.82 -22.81
N LEU I 67 0.86 -35.45 -23.87
CA LEU I 67 1.60 -36.74 -23.76
C LEU I 67 2.88 -36.53 -22.93
N LYS I 68 3.65 -35.49 -23.26
CA LYS I 68 4.87 -35.18 -22.49
C LYS I 68 4.53 -34.92 -21.02
N TYR I 69 3.45 -34.20 -20.78
CA TYR I 69 2.94 -33.94 -19.39
C TYR I 69 2.74 -35.24 -18.62
N THR I 70 2.19 -36.30 -19.22
CA THR I 70 1.90 -37.56 -18.49
C THR I 70 3.21 -38.29 -18.16
N GLU I 71 4.32 -38.01 -18.85
CA GLU I 71 5.62 -38.67 -18.61
C GLU I 71 6.40 -37.99 -17.48
N TYR I 72 5.95 -36.84 -16.99
CA TYR I 72 6.56 -36.17 -15.80
C TYR I 72 5.87 -36.63 -14.52
N SER I 73 6.60 -37.08 -13.51
CA SER I 73 5.97 -37.54 -12.25
C SER I 73 5.48 -36.33 -11.41
N GLU I 74 6.11 -35.16 -11.56
CA GLU I 74 5.74 -33.95 -10.79
C GLU I 74 6.28 -32.71 -11.50
N PRO I 75 5.55 -31.58 -11.43
CA PRO I 75 6.04 -30.36 -12.05
C PRO I 75 7.27 -29.84 -11.28
N HIS I 76 8.15 -29.16 -11.98
CA HIS I 76 9.27 -28.42 -11.38
C HIS I 76 8.73 -27.22 -10.59
N GLU I 77 7.64 -26.64 -11.08
CA GLU I 77 6.93 -25.54 -10.39
C GLU I 77 5.44 -25.60 -10.75
N SER I 78 4.57 -25.35 -9.78
CA SER I 78 3.10 -25.47 -9.88
C SER I 78 2.47 -24.28 -9.19
N ARG I 79 1.58 -23.56 -9.88
CA ARG I 79 0.95 -22.34 -9.34
C ARG I 79 -0.56 -22.52 -9.41
N THR I 80 -1.21 -21.94 -8.41
CA THR I 80 -2.67 -21.78 -8.33
C THR I 80 -2.97 -20.30 -8.15
N ASN I 81 -4.26 -19.98 -8.17
CA ASN I 81 -4.76 -18.61 -7.92
C ASN I 81 -4.18 -18.12 -6.60
N THR I 82 -4.19 -18.97 -5.57
CA THR I 82 -3.69 -18.63 -4.24
C THR I 82 -2.25 -18.11 -4.32
N ASP I 83 -1.35 -18.80 -5.04
CA ASP I 83 0.09 -18.39 -5.15
C ASP I 83 0.26 -17.07 -5.89
N ILE I 84 -0.50 -16.89 -6.96
CA ILE I 84 -0.40 -15.65 -7.79
C ILE I 84 -0.88 -14.48 -6.93
N LEU I 85 -2.01 -14.59 -6.23
CA LEU I 85 -2.52 -13.55 -5.28
C LEU I 85 -1.46 -13.20 -4.25
N GLU I 86 -0.78 -14.21 -3.68
CA GLU I 86 0.23 -13.98 -2.63
C GLU I 86 1.41 -13.24 -3.25
N THR I 87 1.84 -13.61 -4.45
CA THR I 87 2.95 -12.89 -5.14
C THR I 87 2.55 -11.43 -5.33
N LEU I 88 1.32 -11.16 -5.79
CA LEU I 88 0.85 -9.79 -6.12
C LEU I 88 0.81 -8.94 -4.84
N LYS I 89 0.30 -9.49 -3.75
CA LYS I 89 0.28 -8.77 -2.44
C LYS I 89 1.72 -8.46 -2.00
N ARG I 90 2.61 -9.44 -2.07
CA ARG I 90 4.00 -9.30 -1.56
C ARG I 90 4.68 -8.15 -2.32
N ARG I 91 4.33 -7.94 -3.59
CA ARG I 91 4.73 -6.70 -4.31
C ARG I 91 3.90 -5.51 -3.80
N GLU I 92 4.37 -4.83 -2.73
CA GLU I 92 3.67 -3.70 -2.06
C GLU I 92 2.45 -3.32 -2.89
N GLY J 2 8.57 -1.87 -23.25
CA GLY J 2 9.79 -1.83 -22.51
C GLY J 2 10.70 -0.76 -23.05
N ARG J 3 11.95 -0.72 -22.56
CA ARG J 3 12.90 0.35 -22.92
C ARG J 3 13.04 0.37 -24.47
N LYS J 4 13.02 -0.81 -25.11
CA LYS J 4 13.08 -0.97 -26.58
C LYS J 4 12.04 -2.02 -27.00
N LYS J 5 11.52 -1.89 -28.23
CA LYS J 5 10.65 -2.89 -28.91
C LYS J 5 11.53 -4.10 -29.22
N ILE J 6 11.04 -5.32 -29.00
CA ILE J 6 11.82 -6.53 -29.43
C ILE J 6 11.07 -7.24 -30.53
N GLN J 7 11.84 -7.97 -31.32
CA GLN J 7 11.30 -8.87 -32.37
C GLN J 7 10.87 -10.16 -31.67
N ILE J 8 9.80 -10.76 -32.14
CA ILE J 8 9.35 -12.08 -31.62
C ILE J 8 10.15 -13.14 -32.39
N THR J 9 11.33 -13.44 -31.87
CA THR J 9 12.33 -14.36 -32.44
C THR J 9 13.13 -14.93 -31.26
N ARG J 10 13.66 -16.13 -31.41
CA ARG J 10 14.26 -16.88 -30.27
C ARG J 10 15.39 -16.04 -29.70
N ILE J 11 15.42 -15.84 -28.40
CA ILE J 11 16.55 -15.14 -27.72
C ILE J 11 17.70 -16.15 -27.64
N MET J 12 18.83 -15.84 -28.27
CA MET J 12 19.90 -16.82 -28.46
C MET J 12 20.80 -16.86 -27.23
N ASP J 13 20.93 -15.76 -26.47
CA ASP J 13 21.66 -15.73 -25.18
C ASP J 13 20.85 -16.46 -24.10
N GLU J 14 21.33 -17.59 -23.57
CA GLU J 14 20.69 -18.41 -22.52
C GLU J 14 20.36 -17.56 -21.28
N ARG J 15 21.28 -16.72 -20.83
CA ARG J 15 21.03 -15.96 -19.59
CA ARG J 15 21.09 -15.88 -19.62
C ARG J 15 19.89 -14.97 -19.83
N ASN J 16 19.90 -14.23 -20.94
CA ASN J 16 18.82 -13.26 -21.28
C ASN J 16 17.52 -14.05 -21.51
N ARG J 17 17.61 -15.21 -22.15
CA ARG J 17 16.39 -16.00 -22.40
C ARG J 17 15.73 -16.36 -21.07
N GLN J 18 16.50 -16.79 -20.07
CA GLN J 18 15.98 -17.21 -18.74
C GLN J 18 15.37 -16.00 -18.03
N VAL J 19 15.98 -14.82 -18.09
CA VAL J 19 15.41 -13.61 -17.41
C VAL J 19 14.04 -13.32 -18.04
N THR J 20 13.96 -13.34 -19.38
CA THR J 20 12.71 -13.03 -20.10
C THR J 20 11.68 -14.10 -19.74
N PHE J 21 12.09 -15.37 -19.75
CA PHE J 21 11.18 -16.52 -19.45
C PHE J 21 10.51 -16.30 -18.09
N THR J 22 11.29 -16.02 -17.05
CA THR J 22 10.77 -15.83 -15.67
C THR J 22 9.75 -14.69 -15.64
N LYS J 23 10.08 -13.54 -16.20
CA LYS J 23 9.18 -12.35 -16.19
C LYS J 23 7.91 -12.69 -16.99
N ARG J 24 8.05 -13.17 -18.21
CA ARG J 24 6.87 -13.38 -19.06
C ARG J 24 6.02 -14.57 -18.58
N LYS J 25 6.62 -15.57 -17.97
CA LYS J 25 5.83 -16.72 -17.46
C LYS J 25 4.89 -16.22 -16.35
N PHE J 26 5.37 -15.41 -15.46
CA PHE J 26 4.51 -14.83 -14.40
C PHE J 26 3.44 -13.96 -15.05
N GLY J 27 3.81 -13.13 -16.03
CA GLY J 27 2.86 -12.24 -16.71
C GLY J 27 1.72 -13.01 -17.36
N LEU J 28 2.05 -14.14 -17.94
CA LEU J 28 1.10 -15.05 -18.60
C LEU J 28 0.16 -15.69 -17.55
N MET J 29 0.72 -16.18 -16.45
CA MET J 29 -0.07 -16.79 -15.37
C MET J 29 -0.97 -15.72 -14.75
N LYS J 30 -0.48 -14.49 -14.64
CA LYS J 30 -1.29 -13.40 -14.05
C LYS J 30 -2.50 -13.15 -14.95
N LYS J 31 -2.31 -13.11 -16.27
CA LYS J 31 -3.44 -12.91 -17.21
C LYS J 31 -4.39 -14.10 -17.17
N ALA J 32 -3.89 -15.31 -16.99
CA ALA J 32 -4.73 -16.53 -16.92
C ALA J 32 -5.62 -16.43 -15.67
N TYR J 33 -5.02 -16.04 -14.55
CA TYR J 33 -5.73 -15.89 -13.27
C TYR J 33 -6.83 -14.85 -13.46
N GLU J 34 -6.51 -13.71 -14.08
CA GLU J 34 -7.50 -12.59 -14.26
C GLU J 34 -8.65 -13.05 -15.16
N LEU J 35 -8.35 -13.68 -16.27
CA LEU J 35 -9.42 -14.22 -17.15
C LEU J 35 -10.28 -15.24 -16.38
N SER J 36 -9.70 -16.12 -15.60
CA SER J 36 -10.46 -17.16 -14.85
C SER J 36 -11.43 -16.48 -13.88
N VAL J 37 -11.02 -15.39 -13.23
CA VAL J 37 -11.88 -14.70 -12.25
C VAL J 37 -12.88 -13.81 -12.97
N LEU J 38 -12.45 -12.98 -13.94
CA LEU J 38 -13.35 -11.99 -14.54
C LEU J 38 -14.47 -12.74 -15.28
N CYS J 39 -14.16 -13.84 -15.95
CA CYS J 39 -15.12 -14.47 -16.89
C CYS J 39 -15.59 -15.84 -16.36
N ASP J 40 -15.24 -16.18 -15.12
CA ASP J 40 -15.74 -17.39 -14.44
C ASP J 40 -15.36 -18.65 -15.26
N CYS J 41 -14.08 -18.79 -15.64
CA CYS J 41 -13.53 -19.88 -16.46
C CYS J 41 -12.66 -20.77 -15.60
N GLU J 42 -12.49 -22.00 -16.03
CA GLU J 42 -11.49 -22.94 -15.48
C GLU J 42 -10.37 -23.00 -16.52
N ILE J 43 -9.15 -22.73 -16.07
CA ILE J 43 -7.99 -22.63 -16.96
C ILE J 43 -6.87 -23.56 -16.45
N ALA J 44 -6.24 -24.28 -17.35
CA ALA J 44 -4.97 -24.99 -17.11
C ALA J 44 -3.95 -24.48 -18.13
N LEU J 45 -2.72 -24.31 -17.67
CA LEU J 45 -1.59 -23.86 -18.49
C LEU J 45 -0.39 -24.77 -18.19
N ILE J 46 0.15 -25.39 -19.23
CA ILE J 46 1.34 -26.25 -19.15
C ILE J 46 2.45 -25.61 -19.98
N ILE J 47 3.63 -25.44 -19.36
CA ILE J 47 4.82 -24.84 -20.01
C ILE J 47 6.01 -25.77 -19.80
N PHE J 48 6.62 -26.24 -20.88
CA PHE J 48 7.97 -26.83 -20.86
C PHE J 48 8.97 -25.79 -21.38
N ASN J 49 9.97 -25.40 -20.58
CA ASN J 49 11.03 -24.45 -21.02
C ASN J 49 12.01 -25.19 -21.92
N SER J 50 13.03 -24.47 -22.42
CA SER J 50 14.00 -25.04 -23.41
C SER J 50 14.78 -26.21 -22.81
N SER J 51 14.95 -26.28 -21.49
CA SER J 51 15.63 -27.44 -20.83
C SER J 51 14.63 -28.55 -20.50
N ASN J 52 13.37 -28.44 -20.93
CA ASN J 52 12.29 -29.43 -20.64
C ASN J 52 11.93 -29.47 -19.16
N LYS J 53 12.08 -28.38 -18.42
CA LYS J 53 11.50 -28.26 -17.06
C LYS J 53 10.03 -27.91 -17.23
N LEU J 54 9.18 -28.46 -16.36
CA LEU J 54 7.71 -28.33 -16.44
C LEU J 54 7.26 -27.27 -15.42
N PHE J 55 6.49 -26.30 -15.87
CA PHE J 55 5.83 -25.28 -15.04
C PHE J 55 4.35 -25.43 -15.35
N GLN J 56 3.51 -25.41 -14.33
CA GLN J 56 2.05 -25.46 -14.57
C GLN J 56 1.37 -24.40 -13.72
N TYR J 57 0.22 -23.96 -14.24
CA TYR J 57 -0.78 -23.18 -13.50
C TYR J 57 -2.15 -23.81 -13.77
N ALA J 58 -3.02 -23.77 -12.78
CA ALA J 58 -4.44 -24.07 -12.98
C ALA J 58 -5.26 -23.20 -12.03
N SER J 59 -6.41 -22.76 -12.46
CA SER J 59 -7.19 -21.78 -11.68
C SER J 59 -7.85 -22.51 -10.53
N THR J 60 -7.99 -23.83 -10.59
CA THR J 60 -8.73 -24.63 -9.58
C THR J 60 -7.80 -25.77 -9.10
N ASP J 61 -7.54 -26.73 -9.97
CA ASP J 61 -7.01 -28.07 -9.66
C ASP J 61 -6.62 -28.67 -11.01
N MET J 62 -5.35 -28.94 -11.25
CA MET J 62 -4.88 -29.38 -12.58
C MET J 62 -5.55 -30.71 -12.97
N ASP J 63 -5.56 -31.71 -12.09
CA ASP J 63 -6.07 -33.07 -12.41
C ASP J 63 -7.54 -33.01 -12.80
N LYS J 64 -8.33 -32.15 -12.14
CA LYS J 64 -9.77 -32.01 -12.47
C LYS J 64 -9.92 -31.42 -13.87
N VAL J 65 -9.14 -30.41 -14.22
CA VAL J 65 -9.28 -29.81 -15.58
C VAL J 65 -8.91 -30.85 -16.64
N LEU J 66 -7.84 -31.60 -16.44
CA LEU J 66 -7.35 -32.56 -17.46
C LEU J 66 -8.34 -33.71 -17.62
N LEU J 67 -8.96 -34.14 -16.51
CA LEU J 67 -10.00 -35.21 -16.56
C LEU J 67 -11.22 -34.70 -17.34
N LYS J 68 -11.68 -33.49 -17.05
CA LYS J 68 -12.82 -32.88 -17.78
C LYS J 68 -12.45 -32.79 -19.27
N TYR J 69 -11.23 -32.37 -19.58
CA TYR J 69 -10.71 -32.30 -20.97
C TYR J 69 -10.87 -33.65 -21.69
N THR J 70 -10.69 -34.79 -21.02
CA THR J 70 -10.75 -36.10 -21.69
C THR J 70 -12.21 -36.46 -22.06
N GLU J 71 -13.21 -35.77 -21.55
CA GLU J 71 -14.63 -36.06 -21.82
C GLU J 71 -15.11 -35.36 -23.08
N TYR J 72 -14.33 -34.47 -23.65
CA TYR J 72 -14.67 -33.71 -24.88
C TYR J 72 -14.10 -34.42 -26.09
N SER J 73 -14.92 -34.84 -27.04
CA SER J 73 -14.41 -35.55 -28.26
C SER J 73 -13.75 -34.55 -29.22
N GLU J 74 -14.07 -33.25 -29.05
CA GLU J 74 -13.51 -32.13 -29.87
C GLU J 74 -13.75 -30.82 -29.11
N PRO J 75 -12.85 -29.81 -29.27
CA PRO J 75 -13.05 -28.54 -28.58
C PRO J 75 -14.08 -27.69 -29.32
N HIS J 76 -14.61 -26.63 -28.71
CA HIS J 76 -15.45 -25.67 -29.45
C HIS J 76 -14.53 -24.81 -30.33
N GLU J 77 -13.32 -24.54 -29.87
CA GLU J 77 -12.32 -23.74 -30.61
C GLU J 77 -10.92 -24.26 -30.31
N SER J 78 -10.06 -24.28 -31.30
CA SER J 78 -8.67 -24.78 -31.23
C SER J 78 -7.73 -23.79 -31.92
N ARG J 79 -6.67 -23.33 -31.27
CA ARG J 79 -5.66 -22.43 -31.92
C ARG J 79 -4.26 -23.00 -31.72
N THR J 80 -3.40 -22.71 -32.69
CA THR J 80 -1.93 -22.84 -32.60
C THR J 80 -1.26 -21.51 -32.95
N ASN J 81 0.06 -21.46 -32.84
CA ASN J 81 0.85 -20.25 -33.20
C ASN J 81 0.53 -19.85 -34.63
N THR J 82 0.39 -20.77 -35.56
CA THR J 82 0.02 -20.46 -36.97
C THR J 82 -1.24 -19.58 -36.99
N ASP J 83 -2.31 -19.93 -36.27
CA ASP J 83 -3.59 -19.18 -36.26
C ASP J 83 -3.42 -17.78 -35.62
N ILE J 84 -2.67 -17.71 -34.53
CA ILE J 84 -2.44 -16.43 -33.81
C ILE J 84 -1.66 -15.50 -34.75
N LEU J 85 -0.61 -15.98 -35.40
CA LEU J 85 0.20 -15.20 -36.38
C LEU J 85 -0.70 -14.70 -37.51
N GLU J 86 -1.60 -15.54 -38.02
CA GLU J 86 -2.50 -15.12 -39.13
C GLU J 86 -3.45 -14.04 -38.63
N THR J 87 -3.97 -14.15 -37.41
CA THR J 87 -4.83 -13.08 -36.83
C THR J 87 -4.02 -11.78 -36.75
N LEU J 88 -2.79 -11.83 -36.25
CA LEU J 88 -1.93 -10.61 -36.07
C LEU J 88 -1.62 -9.98 -37.41
N LYS J 89 -1.34 -10.77 -38.45
CA LYS J 89 -1.10 -10.21 -39.82
C LYS J 89 -2.37 -9.52 -40.32
N ARG J 90 -3.53 -10.15 -40.15
CA ARG J 90 -4.81 -9.56 -40.63
C ARG J 90 -5.05 -8.20 -39.94
N ARG J 91 -4.61 -8.07 -38.69
CA ARG J 91 -4.73 -6.83 -37.92
C ARG J 91 -3.64 -5.84 -38.27
N GLU J 92 -2.52 -6.16 -38.92
CA GLU J 92 -1.58 -5.09 -39.43
C GLU J 92 -2.34 -4.11 -40.36
N HIS J 93 -2.74 -2.95 -39.79
CA HIS J 93 -3.28 -1.69 -40.42
C HIS J 93 -3.91 -0.74 -39.38
N ARG M 6 26.45 32.58 43.38
CA ARG M 6 27.84 32.87 42.90
C ARG M 6 28.02 34.38 42.71
N VAL M 7 29.17 34.93 43.12
CA VAL M 7 29.54 36.38 42.97
C VAL M 7 30.24 36.55 41.61
N LEU M 8 29.77 37.46 40.75
CA LEU M 8 30.61 37.95 39.61
C LEU M 8 31.46 39.10 40.14
N PHE M 9 32.71 39.12 39.68
CA PHE M 9 33.67 40.18 40.02
C PHE M 9 33.21 41.39 39.20
N SER M 10 33.37 42.59 39.74
CA SER M 10 33.17 43.84 38.98
C SER M 10 34.23 43.89 37.87
N GLN M 11 33.96 44.68 36.85
CA GLN M 11 34.98 44.91 35.78
CA GLN M 11 34.92 45.07 35.79
C GLN M 11 36.21 45.57 36.42
N ALA M 12 36.09 46.45 37.41
CA ALA M 12 37.26 47.04 38.11
C ALA M 12 38.10 45.94 38.80
N GLN M 13 37.47 44.97 39.49
CA GLN M 13 38.23 43.87 40.13
C GLN M 13 38.92 43.02 39.04
N VAL M 14 38.22 42.63 37.99
CA VAL M 14 38.82 41.81 36.88
C VAL M 14 39.96 42.58 36.19
N TYR M 15 39.80 43.88 35.93
CA TYR M 15 40.86 44.79 35.45
C TYR M 15 42.12 44.61 36.32
N GLU M 16 42.01 44.75 37.65
CA GLU M 16 43.19 44.71 38.53
C GLU M 16 43.76 43.30 38.56
N LEU M 17 42.92 42.26 38.56
CA LEU M 17 43.43 40.87 38.57
C LEU M 17 44.24 40.64 37.27
N GLU M 18 43.71 41.06 36.13
CA GLU M 18 44.36 40.85 34.82
C GLU M 18 45.66 41.66 34.79
N ARG M 19 45.68 42.88 35.32
CA ARG M 19 46.86 43.75 35.31
C ARG M 19 47.97 43.08 36.13
N ARG M 20 47.65 42.46 37.26
CA ARG M 20 48.65 41.77 38.10
C ARG M 20 49.11 40.48 37.40
N PHE M 21 48.19 39.75 36.77
CA PHE M 21 48.50 38.52 36.04
C PHE M 21 49.53 38.79 34.93
N LYS M 22 49.46 39.92 34.25
CA LYS M 22 50.43 40.26 33.19
C LYS M 22 51.81 40.57 33.80
N GLN M 23 51.87 41.01 35.06
CA GLN M 23 53.14 41.22 35.80
C GLN M 23 53.68 39.91 36.41
N GLN M 24 52.84 39.01 36.87
CA GLN M 24 53.28 37.71 37.49
C GLN M 24 52.15 36.69 37.43
N ARG M 25 52.44 35.50 36.94
CA ARG M 25 51.43 34.44 36.64
C ARG M 25 51.03 33.72 37.95
N TYR M 26 51.89 33.81 38.96
CA TYR M 26 51.76 33.13 40.28
C TYR M 26 51.90 34.16 41.41
N LEU M 27 51.06 34.04 42.42
CA LEU M 27 51.11 34.84 43.66
C LEU M 27 51.46 33.94 44.85
N SER M 28 52.35 34.39 45.73
CA SER M 28 52.58 33.78 47.07
C SER M 28 51.33 33.99 47.92
N ALA M 29 51.21 33.27 49.03
CA ALA M 29 50.09 33.46 49.97
C ALA M 29 50.04 34.92 50.42
N PRO M 30 51.16 35.56 50.88
CA PRO M 30 51.05 36.95 51.35
C PRO M 30 50.67 37.93 50.23
N GLU M 31 51.10 37.70 49.00
CA GLU M 31 50.73 38.58 47.85
C GLU M 31 49.23 38.39 47.55
N ARG M 32 48.75 37.16 47.64
CA ARG M 32 47.34 36.88 47.38
C ARG M 32 46.49 37.55 48.47
N ASP M 33 46.87 37.45 49.74
CA ASP M 33 46.15 38.09 50.86
C ASP M 33 46.13 39.61 50.67
N GLN M 34 47.24 40.22 50.24
CA GLN M 34 47.33 41.69 50.07
C GLN M 34 46.48 42.09 48.86
N LEU M 35 46.51 41.36 47.76
CA LEU M 35 45.68 41.70 46.58
C LEU M 35 44.20 41.53 46.95
N ALA M 36 43.84 40.46 47.67
CA ALA M 36 42.44 40.24 48.09
C ALA M 36 41.98 41.45 48.91
N SER M 37 42.82 41.95 49.81
CA SER M 37 42.47 43.09 50.69
C SER M 37 42.21 44.34 49.85
N VAL M 38 43.05 44.64 48.88
CA VAL M 38 42.93 45.84 47.99
C VAL M 38 41.67 45.72 47.13
N LEU M 39 41.34 44.56 46.58
CA LEU M 39 40.15 44.40 45.68
C LEU M 39 38.85 44.16 46.45
N LYS M 40 38.91 43.91 47.77
CA LYS M 40 37.71 43.52 48.57
C LYS M 40 37.13 42.19 48.05
N LEU M 41 37.99 41.20 47.89
CA LEU M 41 37.61 39.80 47.61
C LEU M 41 38.19 38.91 48.71
N THR M 42 37.80 37.63 48.78
CA THR M 42 38.50 36.69 49.69
C THR M 42 39.82 36.26 49.07
N SER M 43 40.73 35.79 49.92
CA SER M 43 41.99 35.19 49.47
C SER M 43 41.70 33.94 48.59
N THR M 44 40.71 33.13 48.94
CA THR M 44 40.32 31.97 48.10
C THR M 44 39.89 32.45 46.71
N GLN M 45 39.10 33.51 46.62
CA GLN M 45 38.61 34.00 45.29
C GLN M 45 39.79 34.41 44.41
N VAL M 46 40.79 35.05 44.99
CA VAL M 46 41.98 35.45 44.22
C VAL M 46 42.76 34.21 43.83
N LYS M 47 42.93 33.27 44.77
CA LYS M 47 43.69 32.03 44.50
C LYS M 47 43.07 31.33 43.30
N ILE M 48 41.75 31.16 43.34
CA ILE M 48 41.01 30.39 42.29
C ILE M 48 41.03 31.20 40.97
N TRP M 49 40.95 32.53 41.03
CA TRP M 49 40.95 33.34 39.80
C TRP M 49 42.27 33.10 39.07
N PHE M 50 43.37 33.07 39.79
CA PHE M 50 44.73 32.85 39.24
C PHE M 50 44.77 31.44 38.63
N GLN M 51 44.24 30.43 39.32
CA GLN M 51 44.29 29.05 38.77
C GLN M 51 43.46 29.00 37.48
N ASN M 52 42.26 29.59 37.47
CA ASN M 52 41.39 29.60 36.26
C ASN M 52 42.07 30.42 35.15
N ARG M 53 42.78 31.47 35.49
CA ARG M 53 43.36 32.38 34.44
C ARG M 53 44.55 31.66 33.79
N ARG M 54 45.33 30.93 34.58
CA ARG M 54 46.46 30.18 34.03
C ARG M 54 45.92 29.09 33.11
N TYR M 55 44.83 28.40 33.52
CA TYR M 55 44.26 27.31 32.69
C TYR M 55 43.80 27.90 31.35
N LYS M 56 43.12 29.04 31.40
CA LYS M 56 42.61 29.72 30.19
C LYS M 56 43.78 30.19 29.31
N SER M 57 44.91 30.60 29.86
CA SER M 57 46.05 31.11 29.02
C SER M 57 46.67 29.96 28.21
N LYS M 58 46.52 28.71 28.62
CA LYS M 58 47.04 27.56 27.84
C LYS M 58 46.18 27.32 26.59
N ARG M 59 45.15 28.13 26.31
CA ARG M 59 44.46 28.31 25.00
C ARG M 59 44.80 29.69 24.37
N ARG N 6 15.58 5.35 -6.84
CA ARG N 6 16.89 5.60 -7.53
C ARG N 6 16.67 6.32 -8.88
N VAL N 7 17.62 6.22 -9.81
CA VAL N 7 17.75 7.08 -11.03
C VAL N 7 18.55 6.28 -12.09
N LEU N 8 18.18 6.45 -13.36
CA LEU N 8 19.00 6.08 -14.55
C LEU N 8 20.07 7.17 -14.77
N PHE N 9 21.27 6.78 -15.14
CA PHE N 9 22.40 7.70 -15.35
C PHE N 9 22.14 8.49 -16.64
N SER N 10 22.62 9.74 -16.66
CA SER N 10 22.47 10.68 -17.79
C SER N 10 23.20 10.09 -18.99
N GLN N 11 22.83 10.52 -20.18
CA GLN N 11 23.52 10.14 -21.42
C GLN N 11 25.01 10.53 -21.31
N ALA N 12 25.33 11.70 -20.71
CA ALA N 12 26.74 12.14 -20.52
C ALA N 12 27.49 11.18 -19.58
N GLN N 13 26.88 10.73 -18.48
CA GLN N 13 27.54 9.76 -17.56
C GLN N 13 27.81 8.45 -18.33
N VAL N 14 26.83 7.93 -19.05
CA VAL N 14 26.94 6.62 -19.76
C VAL N 14 27.97 6.76 -20.87
N TYR N 15 27.97 7.87 -21.60
CA TYR N 15 29.02 8.20 -22.59
C TYR N 15 30.41 8.02 -21.98
N GLU N 16 30.69 8.61 -20.83
CA GLU N 16 32.05 8.59 -20.22
C GLU N 16 32.32 7.17 -19.70
N LEU N 17 31.32 6.50 -19.13
CA LEU N 17 31.57 5.15 -18.58
C LEU N 17 31.91 4.21 -19.74
N GLU N 18 31.17 4.26 -20.83
CA GLU N 18 31.40 3.37 -21.99
C GLU N 18 32.75 3.73 -22.61
N ARG N 19 33.10 5.01 -22.67
CA ARG N 19 34.38 5.43 -23.32
C ARG N 19 35.54 4.83 -22.51
N ARG N 20 35.46 4.84 -21.19
CA ARG N 20 36.54 4.32 -20.34
C ARG N 20 36.57 2.80 -20.43
N PHE N 21 35.38 2.17 -20.45
CA PHE N 21 35.26 0.70 -20.53
C PHE N 21 35.97 0.14 -21.77
N LYS N 22 35.89 0.84 -22.90
CA LYS N 22 36.58 0.44 -24.14
C LYS N 22 38.10 0.31 -23.95
N GLN N 23 38.67 1.16 -23.11
CA GLN N 23 40.13 1.24 -22.85
C GLN N 23 40.51 0.32 -21.68
N GLN N 24 39.70 0.27 -20.62
CA GLN N 24 39.99 -0.57 -19.42
C GLN N 24 38.70 -1.21 -18.92
N ARG N 25 38.65 -2.54 -18.87
CA ARG N 25 37.46 -3.31 -18.49
C ARG N 25 37.36 -3.34 -16.97
N TYR N 26 38.47 -3.08 -16.27
CA TYR N 26 38.60 -3.08 -14.78
C TYR N 26 39.26 -1.77 -14.35
N LEU N 27 38.74 -1.13 -13.30
CA LEU N 27 39.32 0.09 -12.68
C LEU N 27 39.73 -0.26 -11.26
N SER N 28 40.87 0.24 -10.82
CA SER N 28 41.32 0.22 -9.39
C SER N 28 40.40 1.13 -8.58
N ALA N 29 40.48 1.03 -7.27
CA ALA N 29 39.72 1.91 -6.37
C ALA N 29 40.06 3.37 -6.65
N PRO N 30 41.35 3.80 -6.73
CA PRO N 30 41.68 5.22 -7.02
C PRO N 30 41.11 5.69 -8.37
N GLU N 31 41.12 4.84 -9.38
CA GLU N 31 40.58 5.20 -10.72
C GLU N 31 39.07 5.40 -10.65
N ARG N 32 38.43 4.50 -9.93
CA ARG N 32 36.94 4.53 -9.69
C ARG N 32 36.62 5.87 -9.00
N ASP N 33 37.33 6.21 -7.92
CA ASP N 33 37.09 7.44 -7.10
C ASP N 33 37.25 8.69 -7.98
N GLN N 34 38.29 8.74 -8.83
CA GLN N 34 38.56 9.93 -9.71
C GLN N 34 37.44 10.03 -10.76
N LEU N 35 37.05 8.92 -11.37
CA LEU N 35 35.99 8.96 -12.42
C LEU N 35 34.66 9.33 -11.73
N ALA N 36 34.39 8.78 -10.57
CA ALA N 36 33.12 8.99 -9.84
C ALA N 36 33.00 10.48 -9.53
N SER N 37 34.08 11.12 -9.12
CA SER N 37 34.08 12.54 -8.70
C SER N 37 33.74 13.41 -9.91
N VAL N 38 34.30 13.10 -11.08
CA VAL N 38 34.05 13.88 -12.33
C VAL N 38 32.63 13.65 -12.83
N LEU N 39 32.07 12.45 -12.75
CA LEU N 39 30.71 12.17 -13.29
C LEU N 39 29.63 12.51 -12.25
N LYS N 40 30.00 12.80 -10.99
CA LYS N 40 29.04 13.09 -9.88
C LYS N 40 28.19 11.83 -9.60
N LEU N 41 28.84 10.70 -9.49
CA LEU N 41 28.28 9.41 -9.07
C LEU N 41 29.09 8.94 -7.86
N THR N 42 28.64 7.98 -7.09
CA THR N 42 29.46 7.39 -6.00
C THR N 42 30.48 6.42 -6.59
N SER N 43 31.52 6.17 -5.85
CA SER N 43 32.54 5.12 -6.12
C SER N 43 31.84 3.76 -6.28
N THR N 44 30.89 3.44 -5.43
CA THR N 44 30.11 2.19 -5.52
C THR N 44 29.40 2.12 -6.88
N GLN N 45 28.75 3.21 -7.31
CA GLN N 45 27.95 3.20 -8.56
C GLN N 45 28.88 2.93 -9.74
N VAL N 46 30.08 3.48 -9.73
CA VAL N 46 31.03 3.22 -10.84
C VAL N 46 31.49 1.76 -10.74
N LYS N 47 31.79 1.30 -9.52
CA LYS N 47 32.28 -0.09 -9.34
C LYS N 47 31.23 -1.05 -9.90
N ILE N 48 29.97 -0.84 -9.56
CA ILE N 48 28.83 -1.74 -9.92
C ILE N 48 28.54 -1.55 -11.42
N TRP N 49 28.68 -0.35 -11.98
CA TRP N 49 28.44 -0.15 -13.43
C TRP N 49 29.46 -1.01 -14.20
N PHE N 50 30.72 -1.01 -13.78
CA PHE N 50 31.78 -1.84 -14.38
C PHE N 50 31.45 -3.33 -14.21
N GLN N 51 30.94 -3.76 -13.04
CA GLN N 51 30.62 -5.18 -12.84
C GLN N 51 29.48 -5.57 -13.76
N ASN N 52 28.45 -4.74 -13.86
CA ASN N 52 27.26 -5.01 -14.68
C ASN N 52 27.69 -4.97 -16.15
N ARG N 53 28.59 -4.07 -16.55
CA ARG N 53 28.96 -3.94 -17.98
C ARG N 53 29.78 -5.16 -18.41
N ARG N 54 30.64 -5.67 -17.53
CA ARG N 54 31.42 -6.88 -17.87
C ARG N 54 30.46 -8.05 -18.00
N TYR N 55 29.48 -8.16 -17.10
CA TYR N 55 28.51 -9.29 -17.16
C TYR N 55 27.74 -9.23 -18.48
N LYS N 56 27.29 -8.04 -18.86
CA LYS N 56 26.49 -7.83 -20.08
C LYS N 56 27.36 -8.13 -21.31
N SER N 57 28.67 -7.85 -21.31
CA SER N 57 29.53 -8.14 -22.49
C SER N 57 29.69 -9.65 -22.65
N LYS N 58 29.67 -10.39 -21.54
CA LYS N 58 29.55 -11.88 -21.54
C LYS N 58 28.12 -12.30 -21.93
N VAL O 7 -28.63 6.70 21.53
CA VAL O 7 -28.79 8.01 20.84
C VAL O 7 -27.44 8.39 20.17
N LEU O 8 -27.54 9.02 19.00
CA LEU O 8 -26.43 9.41 18.10
C LEU O 8 -25.76 10.70 18.59
N PHE O 9 -24.49 10.87 18.30
CA PHE O 9 -23.71 12.10 18.61
C PHE O 9 -24.18 13.23 17.69
N SER O 10 -24.08 14.45 18.16
CA SER O 10 -24.41 15.68 17.38
C SER O 10 -23.50 15.76 16.17
N GLN O 11 -23.94 16.47 15.14
CA GLN O 11 -23.13 16.73 13.93
C GLN O 11 -21.82 17.43 14.35
N ALA O 12 -21.88 18.37 15.30
CA ALA O 12 -20.68 19.06 15.81
C ALA O 12 -19.72 18.05 16.47
N GLN O 13 -20.20 17.10 17.30
CA GLN O 13 -19.30 16.09 17.93
C GLN O 13 -18.66 15.23 16.84
N VAL O 14 -19.43 14.73 15.89
CA VAL O 14 -18.91 13.83 14.81
C VAL O 14 -17.92 14.62 13.94
N TYR O 15 -18.22 15.88 13.59
CA TYR O 15 -17.27 16.77 12.87
C TYR O 15 -15.91 16.78 13.57
N GLU O 16 -15.87 17.04 14.88
CA GLU O 16 -14.58 17.13 15.62
C GLU O 16 -13.93 15.74 15.68
N LEU O 17 -14.70 14.68 15.87
CA LEU O 17 -14.09 13.32 15.97
C LEU O 17 -13.45 13.00 14.61
N GLU O 18 -14.13 13.26 13.51
CA GLU O 18 -13.61 12.93 12.16
C GLU O 18 -12.38 13.81 11.90
N ARG O 19 -12.40 15.08 12.30
CA ARG O 19 -11.25 16.00 12.05
C ARG O 19 -10.00 15.47 12.79
N ARG O 20 -10.16 15.01 14.02
CA ARG O 20 -9.03 14.46 14.83
C ARG O 20 -8.56 13.14 14.23
N PHE O 21 -9.49 12.31 13.76
CA PHE O 21 -9.21 10.99 13.18
C PHE O 21 -8.33 11.14 11.94
N LYS O 22 -8.56 12.15 11.11
CA LYS O 22 -7.75 12.30 9.87
C LYS O 22 -6.33 12.74 10.25
N GLN O 23 -6.12 13.35 11.41
CA GLN O 23 -4.76 13.74 11.91
C GLN O 23 -4.08 12.58 12.65
N GLN O 24 -4.81 11.81 13.47
CA GLN O 24 -4.26 10.68 14.28
C GLN O 24 -5.32 9.58 14.38
N ARG O 25 -4.99 8.37 13.91
CA ARG O 25 -5.94 7.24 13.84
C ARG O 25 -6.06 6.61 15.24
N TYR O 26 -5.04 6.84 16.07
CA TYR O 26 -4.94 6.36 17.47
C TYR O 26 -4.66 7.55 18.39
N LEU O 27 -5.37 7.59 19.51
CA LEU O 27 -5.21 8.64 20.55
C LEU O 27 -4.60 8.01 21.79
N SER O 28 -3.63 8.68 22.40
CA SER O 28 -3.16 8.38 23.78
C SER O 28 -4.31 8.64 24.75
N ALA O 29 -4.19 8.12 25.97
CA ALA O 29 -5.19 8.38 27.02
C ALA O 29 -5.34 9.89 27.24
N PRO O 30 -4.27 10.70 27.40
CA PRO O 30 -4.44 12.15 27.64
C PRO O 30 -5.16 12.86 26.47
N GLU O 31 -4.88 12.44 25.23
CA GLU O 31 -5.56 13.04 24.04
C GLU O 31 -7.05 12.71 24.13
N ARG O 32 -7.34 11.43 24.43
CA ARG O 32 -8.72 10.91 24.42
C ARG O 32 -9.51 11.62 25.53
N ASP O 33 -8.98 11.67 26.73
CA ASP O 33 -9.69 12.26 27.91
C ASP O 33 -9.90 13.76 27.67
N GLN O 34 -8.94 14.48 27.09
CA GLN O 34 -9.12 15.94 26.81
C GLN O 34 -10.14 16.13 25.68
N LEU O 35 -10.13 15.30 24.64
CA LEU O 35 -11.12 15.40 23.56
C LEU O 35 -12.51 15.11 24.14
N ALA O 36 -12.63 14.10 24.99
CA ALA O 36 -13.92 13.77 25.61
C ALA O 36 -14.43 14.99 26.38
N SER O 37 -13.57 15.65 27.13
CA SER O 37 -13.94 16.83 27.95
C SER O 37 -14.51 17.94 27.05
N VAL O 38 -13.85 18.23 25.94
CA VAL O 38 -14.25 19.31 24.99
C VAL O 38 -15.56 18.95 24.30
N LEU O 39 -15.79 17.69 23.90
CA LEU O 39 -17.03 17.31 23.17
C LEU O 39 -18.18 17.00 24.14
N LYS O 40 -17.92 16.91 25.45
CA LYS O 40 -18.94 16.54 26.46
C LYS O 40 -19.43 15.11 26.19
N LEU O 41 -18.49 14.20 25.99
CA LEU O 41 -18.74 12.75 25.88
C LEU O 41 -17.89 12.08 26.98
N THR O 42 -18.14 10.82 27.31
CA THR O 42 -17.23 10.05 28.20
C THR O 42 -15.95 9.66 27.43
N SER O 43 -14.91 9.37 28.18
CA SER O 43 -13.65 8.82 27.62
C SER O 43 -13.93 7.51 26.90
N THR O 44 -14.79 6.66 27.45
CA THR O 44 -15.22 5.41 26.81
C THR O 44 -15.82 5.72 25.42
N GLN O 45 -16.72 6.69 25.32
CA GLN O 45 -17.42 7.01 24.06
C GLN O 45 -16.40 7.41 23.01
N VAL O 46 -15.38 8.17 23.36
CA VAL O 46 -14.36 8.58 22.37
C VAL O 46 -13.51 7.34 22.03
N LYS O 47 -13.15 6.54 23.02
CA LYS O 47 -12.32 5.35 22.78
C LYS O 47 -13.05 4.44 21.79
N ILE O 48 -14.34 4.21 22.00
CA ILE O 48 -15.14 3.25 21.18
C ILE O 48 -15.39 3.92 19.82
N TRP O 49 -15.57 5.23 19.76
CA TRP O 49 -15.80 5.90 18.45
C TRP O 49 -14.56 5.66 17.58
N PHE O 50 -13.37 5.80 18.17
CA PHE O 50 -12.08 5.58 17.46
C PHE O 50 -11.97 4.13 17.03
N GLN O 51 -12.34 3.18 17.89
CA GLN O 51 -12.23 1.75 17.51
C GLN O 51 -13.19 1.47 16.35
N ASN O 52 -14.44 1.93 16.42
CA ASN O 52 -15.46 1.69 15.37
C ASN O 52 -15.01 2.41 14.10
N ARG O 53 -14.40 3.59 14.19
CA ARG O 53 -13.99 4.35 12.99
C ARG O 53 -12.86 3.63 12.29
N ARG O 54 -11.92 3.07 13.04
CA ARG O 54 -10.81 2.29 12.44
C ARG O 54 -11.38 1.06 11.76
N TYR O 55 -12.33 0.38 12.41
CA TYR O 55 -12.92 -0.87 11.84
C TYR O 55 -13.59 -0.54 10.51
N LYS O 56 -14.34 0.56 10.47
CA LYS O 56 -15.07 1.00 9.27
C LYS O 56 -14.08 1.43 8.18
N SER O 57 -12.94 2.02 8.51
CA SER O 57 -11.95 2.45 7.47
C SER O 57 -11.34 1.25 6.77
N LYS O 58 -11.33 0.06 7.38
CA LYS O 58 -10.82 -1.18 6.72
C LYS O 58 -11.82 -1.69 5.67
N ARG O 59 -12.56 -0.80 5.00
CA ARG O 59 -13.37 -1.08 3.78
C ARG O 59 -14.67 -1.76 4.22
#